data_2AGX
#
_entry.id   2AGX
#
_cell.length_a   90.372
_cell.length_b   96.194
_cell.length_c   120.321
_cell.angle_alpha   90.00
_cell.angle_beta   90.00
_cell.angle_gamma   90.00
#
_symmetry.space_group_name_H-M   'P 21 21 21'
#
loop_
_entity.id
_entity.type
_entity.pdbx_description
1 polymer 'Aromatic amine dehydrogenase'
2 polymer 'Aromatic amine dehydrogenase'
3 non-polymer 2-(1H-INDOL-3-YL)ETHANIMINE
4 water water
#
loop_
_entity_poly.entity_id
_entity_poly.type
_entity_poly.pdbx_seq_one_letter_code
_entity_poly.pdbx_strand_id
1 'polypeptide(L)'
;AGGGGSSSGADHISLNPDLANEDEVNSCDYWRHCAVDGFLCSCCGGTTTTCPPGSTPSPIS(TRQ)IGTCHNPHDGKDYL
ISYHDCCGKTACGRCQCNTQTRERPGYEFFLHNDVNWCMANENSTFHCTTSVLVGLAKN
;
D,H
2 'polypeptide(L)'
;REVLTGGHSVSAPQENRIYVMDSVFMHLTESRVHVYDYTNGKFLGMVPTAFNGHVQVSNDGKKIYTMTTYHERITRGKRS
DVVEVWDADKLTFEKEISLPPKRVQGLNYDGLFRQTTDGKFIVLQNASPATSIGIVDVAKGDYVEDVTAAAGCWSVIPQP
NRPRSFMTICGDGGLLTINLGEDGKVASQSRSKQMFSVKDDPIFIAPALDKDKAHFVSYYGNVYSADFSGDEVKVDGPWS
LLNDEDKAKNWVPGGYNLVGLHRASGRMYVFMHPDGKEGTHKFPAAEIWVMDTKTKQRVARIPGRDALSMTIDQQRNLML
TLDGGNVNVYDISQPEPKLLRTIEGAAEASLQVQFHPVGGT
;
A,B
#
loop_
_chem_comp.id
_chem_comp.type
_chem_comp.name
_chem_comp.formula
TSH non-polymer 2-(1H-INDOL-3-YL)ETHANIMINE 'C10 H10 N2'
#
# COMPACT_ATOMS: atom_id res chain seq x y z
N GLU A 24 -2.79 27.98 -5.23
CA GLU A 24 -1.65 28.21 -4.28
C GLU A 24 -1.89 27.45 -2.98
N VAL A 25 -3.15 27.36 -2.56
CA VAL A 25 -3.54 26.60 -1.36
C VAL A 25 -3.15 25.11 -1.43
N ASN A 26 -2.92 24.64 -2.64
CA ASN A 26 -2.46 23.28 -2.91
C ASN A 26 -0.95 23.14 -2.83
N SER A 27 -0.25 24.23 -2.54
CA SER A 27 1.20 24.18 -2.38
C SER A 27 1.54 24.03 -0.91
N CYS A 28 2.58 23.25 -0.62
CA CYS A 28 3.10 23.16 0.75
C CYS A 28 3.60 24.51 1.27
N ASP A 29 4.07 25.36 0.36
CA ASP A 29 4.57 26.72 0.68
C ASP A 29 3.51 27.73 1.12
N TYR A 30 2.26 27.49 0.75
CA TYR A 30 1.16 28.33 1.19
C TYR A 30 1.29 28.58 2.68
N TRP A 31 1.16 29.85 3.07
CA TRP A 31 1.48 30.31 4.42
C TRP A 31 0.67 29.63 5.55
N ARG A 32 -0.58 29.25 5.24
CA ARG A 32 -1.46 28.60 6.23
C ARG A 32 -0.96 27.20 6.61
N HIS A 33 -0.19 26.59 5.70
CA HIS A 33 0.23 25.19 5.82
C HIS A 33 1.57 25.01 6.58
N CYS A 34 1.91 25.93 7.47
CA CYS A 34 3.29 25.98 8.00
C CYS A 34 3.63 24.86 9.01
N ALA A 35 2.62 24.14 9.49
CA ALA A 35 2.84 22.96 10.32
C ALA A 35 2.01 21.77 9.87
N VAL A 36 1.90 21.62 8.55
CA VAL A 36 1.23 20.45 7.96
C VAL A 36 2.19 19.27 7.80
N ASP A 37 1.82 18.15 8.42
CA ASP A 37 2.39 16.84 8.17
C ASP A 37 1.23 15.97 7.69
N GLY A 38 1.18 15.73 6.38
CA GLY A 38 0.10 14.94 5.79
C GLY A 38 -0.23 15.37 4.37
N PHE A 39 -1.40 14.97 3.89
CA PHE A 39 -1.88 15.29 2.56
C PHE A 39 -2.88 16.44 2.60
N LEU A 40 -2.67 17.46 1.76
CA LEU A 40 -3.56 18.63 1.72
C LEU A 40 -4.95 18.24 1.25
N CYS A 41 -5.95 18.43 2.11
CA CYS A 41 -7.33 18.06 1.77
C CYS A 41 -7.86 18.76 0.51
N SER A 42 -7.29 19.92 0.18
CA SER A 42 -7.67 20.63 -1.04
C SER A 42 -7.22 19.90 -2.30
N CYS A 43 -6.31 18.95 -2.16
CA CYS A 43 -5.90 18.11 -3.28
C CYS A 43 -6.69 16.80 -3.30
N CYS A 44 -7.61 16.64 -2.36
CA CYS A 44 -8.21 15.34 -2.10
C CYS A 44 -9.71 15.32 -2.31
N GLY A 45 -10.21 16.37 -2.94
CA GLY A 45 -11.64 16.46 -3.21
C GLY A 45 -12.34 17.27 -2.12
N GLY A 46 -11.57 17.83 -1.20
CA GLY A 46 -12.17 18.73 -0.20
C GLY A 46 -11.58 20.11 -0.38
N THR A 47 -11.49 20.86 0.72
CA THR A 47 -10.83 22.18 0.70
C THR A 47 -10.04 22.36 1.99
N THR A 48 -9.41 23.53 2.12
CA THR A 48 -8.78 23.93 3.37
C THR A 48 -9.69 23.73 4.61
N THR A 49 -11.00 23.88 4.44
CA THR A 49 -11.91 23.85 5.58
C THR A 49 -13.04 22.79 5.45
N THR A 50 -12.93 21.92 4.46
CA THR A 50 -13.90 20.84 4.32
C THR A 50 -13.23 19.52 4.01
N CYS A 51 -13.68 18.49 4.71
CA CYS A 51 -13.20 17.15 4.46
C CYS A 51 -13.75 16.68 3.12
N PRO A 52 -12.94 15.96 2.34
CA PRO A 52 -13.44 15.26 1.16
C PRO A 52 -14.65 14.38 1.51
N PRO A 53 -15.54 14.14 0.54
CA PRO A 53 -16.78 13.41 0.80
C PRO A 53 -16.52 12.05 1.44
N GLY A 54 -17.26 11.76 2.51
CA GLY A 54 -17.20 10.44 3.15
C GLY A 54 -16.01 10.26 4.09
N SER A 55 -15.31 11.36 4.35
CA SER A 55 -14.28 11.40 5.40
C SER A 55 -14.76 12.34 6.51
N THR A 56 -14.28 12.05 7.73
CA THR A 56 -14.81 12.67 8.95
C THR A 56 -13.76 13.61 9.56
N PRO A 57 -14.16 14.82 9.98
CA PRO A 57 -13.24 15.72 10.69
C PRO A 57 -12.83 15.12 12.04
N SER A 58 -11.58 15.35 12.42
CA SER A 58 -11.14 15.01 13.78
C SER A 58 -11.61 16.14 14.66
N PRO A 59 -12.16 15.82 15.83
CA PRO A 59 -12.56 16.84 16.80
C PRO A 59 -11.35 17.50 17.49
N ILE A 60 -10.22 16.78 17.50
CA ILE A 60 -8.99 17.25 18.10
C ILE A 60 -7.95 17.51 17.01
N SER A 61 -6.83 18.13 17.36
CA SER A 61 -5.87 18.56 16.34
C SER A 61 -4.60 19.14 16.95
N TRQ A 62 -3.51 19.09 16.19
CA TRQ A 62 -2.39 19.93 16.52
C TRQ A 62 -2.64 21.36 16.02
O TRQ A 62 -3.41 21.57 15.08
CB TRQ A 62 -1.05 19.38 16.02
CG TRQ A 62 -0.85 19.18 14.55
CD1 TRQ A 62 -0.25 20.06 13.70
NE1 TRQ A 62 -0.17 19.53 12.42
CE2 TRQ A 62 -0.70 18.26 12.43
CZ2 TRQ A 62 -0.84 17.34 11.39
CH2 TRQ A 62 -1.43 16.14 11.67
CZ3 TRQ A 62 -1.87 15.83 12.97
CE3 TRQ A 62 -1.72 16.74 14.03
CD2 TRQ A 62 -1.15 18.00 13.76
O7 TRQ A 62 -0.43 17.70 10.08
N ILE A 63 -1.92 22.31 16.73
CA ILE A 63 -2.08 23.71 16.42
C ILE A 63 -0.77 24.31 16.00
N GLY A 64 -0.81 25.18 15.02
CA GLY A 64 0.40 25.89 14.56
C GLY A 64 0.22 27.41 14.51
N THR A 65 1.34 28.12 14.49
CA THR A 65 1.34 29.58 14.43
C THR A 65 2.08 29.97 13.18
N CYS A 66 1.34 30.58 12.24
CA CYS A 66 1.85 30.85 10.90
C CYS A 66 1.86 32.34 10.56
N HIS A 67 2.90 32.78 9.86
CA HIS A 67 3.00 34.17 9.43
C HIS A 67 2.32 34.40 8.08
N ASN A 68 1.36 35.32 8.08
CA ASN A 68 0.72 35.79 6.86
C ASN A 68 1.55 36.91 6.22
N PRO A 69 2.12 36.67 5.04
CA PRO A 69 2.99 37.67 4.41
C PRO A 69 2.22 38.88 3.84
N HIS A 70 0.89 38.78 3.77
CA HIS A 70 0.07 39.80 3.15
C HIS A 70 -0.30 40.96 4.07
N ASP A 71 -0.29 40.71 5.38
CA ASP A 71 -0.58 41.75 6.38
C ASP A 71 0.47 41.77 7.49
N GLY A 72 1.55 40.99 7.31
CA GLY A 72 2.61 40.86 8.30
C GLY A 72 2.18 40.38 9.68
N LYS A 73 1.03 39.71 9.76
CA LYS A 73 0.53 39.19 11.04
C LYS A 73 0.67 37.68 11.16
N ASP A 74 0.70 37.21 12.41
CA ASP A 74 0.71 35.78 12.70
C ASP A 74 -0.65 35.27 13.18
N TYR A 75 -1.02 34.08 12.71
CA TYR A 75 -2.33 33.53 13.02
C TYR A 75 -2.25 32.16 13.68
N LEU A 76 -3.27 31.86 14.49
CA LEU A 76 -3.48 30.52 15.01
C LEU A 76 -4.20 29.66 13.96
N ILE A 77 -3.52 28.58 13.58
CA ILE A 77 -4.04 27.61 12.64
C ILE A 77 -4.26 26.27 13.35
N SER A 78 -5.42 25.67 13.08
CA SER A 78 -5.76 24.37 13.65
C SER A 78 -5.62 23.29 12.58
N TYR A 79 -4.83 22.25 12.85
CA TYR A 79 -4.61 21.22 11.84
C TYR A 79 -5.42 19.95 12.07
N HIS A 80 -6.73 20.04 11.80
CA HIS A 80 -7.60 18.89 11.94
C HIS A 80 -7.36 17.93 10.79
N ASP A 81 -7.44 16.65 11.10
CA ASP A 81 -7.27 15.63 10.09
C ASP A 81 -8.64 15.25 9.59
N CYS A 82 -8.68 14.67 8.40
CA CYS A 82 -9.88 14.00 7.89
C CYS A 82 -9.65 12.51 7.93
N CYS A 83 -10.64 11.77 8.44
CA CYS A 83 -10.44 10.41 8.93
C CYS A 83 -11.48 9.42 8.36
N GLY A 84 -11.17 8.12 8.43
CA GLY A 84 -12.11 7.08 8.02
C GLY A 84 -12.06 6.72 6.55
N LYS A 85 -11.08 7.25 5.82
CA LYS A 85 -10.70 6.71 4.51
C LYS A 85 -9.18 6.58 4.47
N THR A 86 -8.73 5.73 3.57
CA THR A 86 -7.32 5.48 3.40
C THR A 86 -6.63 6.68 2.77
N ALA A 87 -5.30 6.70 2.92
CA ALA A 87 -4.45 7.80 2.54
C ALA A 87 -4.81 8.36 1.16
N CYS A 88 -5.11 9.65 1.15
CA CYS A 88 -5.32 10.38 -0.09
C CYS A 88 -4.12 10.28 -1.03
N GLY A 89 -2.92 10.45 -0.49
CA GLY A 89 -1.70 10.28 -1.27
C GLY A 89 -1.32 11.50 -2.14
N ARG A 90 -2.12 12.54 -2.09
CA ARG A 90 -1.88 13.71 -2.92
C ARG A 90 -1.40 14.87 -2.07
N CYS A 91 -0.48 15.65 -2.63
CA CYS A 91 0.01 16.88 -2.05
C CYS A 91 0.57 16.69 -0.63
N GLN A 92 1.56 15.81 -0.50
CA GLN A 92 2.13 15.48 0.79
C GLN A 92 3.03 16.60 1.29
N CYS A 93 2.72 17.12 2.47
CA CYS A 93 3.52 18.18 3.11
C CYS A 93 4.14 17.72 4.43
N ASN A 94 5.30 18.28 4.76
CA ASN A 94 6.03 17.96 5.98
C ASN A 94 6.69 19.24 6.51
N THR A 95 5.87 20.26 6.77
CA THR A 95 6.39 21.55 7.18
C THR A 95 6.30 21.66 8.69
N GLN A 96 7.29 22.33 9.28
CA GLN A 96 7.56 22.17 10.72
C GLN A 96 7.75 23.49 11.50
N THR A 97 7.12 24.56 11.02
CA THR A 97 7.24 25.86 11.67
C THR A 97 6.58 25.87 13.06
N ARG A 98 7.41 26.11 14.09
CA ARG A 98 6.98 26.12 15.51
C ARG A 98 6.44 24.78 16.07
N GLU A 99 6.58 23.70 15.30
CA GLU A 99 6.28 22.34 15.74
C GLU A 99 7.25 21.89 16.83
N ARG A 100 6.71 21.21 17.83
CA ARG A 100 7.48 20.73 18.99
C ARG A 100 7.15 19.23 19.26
N PRO A 101 8.02 18.51 19.98
CA PRO A 101 7.82 17.07 20.27
C PRO A 101 6.61 16.77 21.16
N GLY A 102 6.41 15.49 21.46
CA GLY A 102 5.18 15.02 22.13
C GLY A 102 4.99 15.50 23.55
N TYR A 103 6.05 16.01 24.16
CA TYR A 103 5.95 16.66 25.48
C TYR A 103 5.30 18.07 25.41
N GLU A 104 5.09 18.59 24.20
CA GLU A 104 4.16 19.71 23.95
C GLU A 104 3.16 19.19 22.92
N PHE A 105 2.23 18.36 23.38
CA PHE A 105 1.56 17.44 22.49
C PHE A 105 0.73 18.13 21.42
N PHE A 106 0.00 19.17 21.79
CA PHE A 106 -0.88 19.86 20.83
C PHE A 106 -0.19 20.80 19.84
N LEU A 107 1.15 20.86 19.96
CA LEU A 107 2.01 21.48 18.97
C LEU A 107 2.73 20.42 18.08
N HIS A 108 2.42 19.14 18.29
CA HIS A 108 3.19 18.05 17.68
C HIS A 108 2.49 17.47 16.45
N ASN A 109 3.23 17.28 15.36
CA ASN A 109 2.63 16.78 14.12
C ASN A 109 3.12 15.43 13.60
N ASP A 110 3.82 14.66 14.44
CA ASP A 110 4.26 13.31 14.08
C ASP A 110 3.30 12.26 14.61
N VAL A 111 2.12 12.69 15.03
CA VAL A 111 1.08 11.78 15.50
C VAL A 111 -0.17 11.96 14.65
N ASN A 112 -0.98 10.91 14.59
CA ASN A 112 -2.22 10.91 13.87
C ASN A 112 -3.31 11.65 14.64
N TRP A 113 -3.68 12.84 14.18
CA TRP A 113 -4.75 13.60 14.86
C TRP A 113 -6.15 12.99 14.65
N CYS A 114 -6.22 11.90 13.88
CA CYS A 114 -7.41 11.05 13.85
C CYS A 114 -7.49 10.06 15.03
N MET A 115 -6.46 10.05 15.87
CA MET A 115 -6.32 9.02 16.91
C MET A 115 -7.57 8.73 17.74
N ALA A 116 -8.47 9.71 17.88
CA ALA A 116 -9.66 9.51 18.75
C ALA A 116 -10.99 9.41 17.96
N ASN A 117 -10.87 9.37 16.63
CA ASN A 117 -12.06 9.29 15.79
C ASN A 117 -12.71 7.92 15.88
N GLU A 118 -13.97 7.85 15.45
CA GLU A 118 -14.67 6.59 15.36
C GLU A 118 -13.87 5.61 14.50
N ASN A 119 -13.29 6.11 13.41
CA ASN A 119 -12.27 5.35 12.68
C ASN A 119 -11.02 6.20 12.52
N SER A 120 -9.89 5.69 12.98
CA SER A 120 -8.67 6.48 13.07
C SER A 120 -7.81 6.49 11.80
N THR A 121 -8.23 5.75 10.77
CA THR A 121 -7.54 5.79 9.47
C THR A 121 -7.41 7.22 8.93
N PHE A 122 -6.18 7.58 8.59
CA PHE A 122 -5.85 8.94 8.20
C PHE A 122 -6.05 9.13 6.70
N HIS A 123 -6.81 10.17 6.34
CA HIS A 123 -7.10 10.45 4.93
C HIS A 123 -6.34 11.68 4.41
N CYS A 124 -6.58 12.83 5.01
CA CYS A 124 -5.83 14.05 4.67
C CYS A 124 -5.85 15.03 5.84
N THR A 125 -5.17 16.18 5.69
CA THR A 125 -5.05 17.22 6.72
C THR A 125 -5.62 18.56 6.20
N THR A 126 -6.36 19.25 7.05
CA THR A 126 -6.84 20.61 6.75
C THR A 126 -6.00 21.66 7.49
N SER A 127 -6.19 22.92 7.09
CA SER A 127 -5.48 24.08 7.65
C SER A 127 -6.51 25.16 7.99
N VAL A 128 -7.14 25.01 9.16
CA VAL A 128 -8.27 25.84 9.58
C VAL A 128 -7.80 27.04 10.39
N LEU A 129 -8.02 28.23 9.85
CA LEU A 129 -7.72 29.49 10.53
C LEU A 129 -8.61 29.68 11.77
N VAL A 130 -7.97 29.83 12.93
CA VAL A 130 -8.68 30.04 14.19
C VAL A 130 -8.78 31.52 14.60
N GLY A 131 -7.65 32.22 14.62
CA GLY A 131 -7.56 33.63 14.98
C GLY A 131 -6.11 34.09 14.94
N LEU A 132 -5.87 35.33 15.37
CA LEU A 132 -4.51 35.87 15.50
C LEU A 132 -3.78 35.20 16.64
N HIS B 12 20.98 -31.13 -16.93
CA HIS B 12 21.77 -29.87 -17.10
C HIS B 12 21.66 -28.91 -15.90
N ILE B 13 22.65 -28.04 -15.74
CA ILE B 13 22.66 -27.05 -14.64
C ILE B 13 21.47 -26.09 -14.77
N SER B 14 21.08 -25.83 -16.02
CA SER B 14 19.91 -25.04 -16.41
C SER B 14 18.64 -25.37 -15.62
N LEU B 15 18.59 -26.56 -15.04
CA LEU B 15 17.37 -27.04 -14.40
C LEU B 15 17.33 -26.81 -12.88
N ASN B 16 18.46 -26.40 -12.31
CA ASN B 16 18.50 -26.15 -10.88
C ASN B 16 18.88 -24.71 -10.57
N PRO B 17 17.87 -23.90 -10.27
CA PRO B 17 18.07 -22.48 -10.02
C PRO B 17 18.94 -22.24 -8.78
N ASP B 18 18.95 -23.18 -7.84
CA ASP B 18 19.79 -23.10 -6.64
C ASP B 18 21.28 -23.01 -6.97
N LEU B 19 21.65 -23.60 -8.09
CA LEU B 19 23.05 -23.63 -8.55
C LEU B 19 23.43 -22.44 -9.41
N ALA B 20 22.44 -21.66 -9.84
CA ALA B 20 22.71 -20.54 -10.73
C ALA B 20 23.11 -19.27 -9.99
N ASN B 21 23.71 -18.36 -10.74
CA ASN B 21 23.94 -16.99 -10.30
C ASN B 21 22.58 -16.35 -9.95
N GLU B 22 22.51 -15.74 -8.77
CA GLU B 22 21.28 -15.11 -8.28
C GLU B 22 20.73 -14.06 -9.24
N ASP B 23 21.61 -13.20 -9.74
CA ASP B 23 21.19 -12.13 -10.65
C ASP B 23 20.48 -12.66 -11.91
N GLU B 24 20.81 -13.90 -12.30
CA GLU B 24 20.18 -14.57 -13.44
C GLU B 24 18.83 -15.19 -13.09
N VAL B 25 18.75 -15.85 -11.93
CA VAL B 25 17.48 -16.45 -11.44
C VAL B 25 16.45 -15.40 -11.04
N ASN B 26 16.91 -14.23 -10.64
CA ASN B 26 16.03 -13.18 -10.14
C ASN B 26 15.55 -12.20 -11.20
N SER B 27 15.69 -12.61 -12.45
CA SER B 27 15.32 -11.82 -13.60
C SER B 27 14.09 -12.44 -14.26
N CYS B 28 13.20 -11.59 -14.77
CA CYS B 28 12.00 -12.06 -15.47
C CYS B 28 12.33 -12.78 -16.77
N ASP B 29 13.55 -12.59 -17.27
CA ASP B 29 13.99 -13.24 -18.49
C ASP B 29 14.51 -14.66 -18.30
N TYR B 30 14.65 -15.08 -17.04
CA TYR B 30 15.10 -16.43 -16.69
C TYR B 30 14.14 -17.46 -17.32
N TRP B 31 14.70 -18.47 -17.99
CA TRP B 31 13.93 -19.25 -19.00
C TRP B 31 12.62 -19.82 -18.45
N ARG B 32 12.61 -20.20 -17.17
CA ARG B 32 11.43 -20.86 -16.61
C ARG B 32 10.40 -19.91 -16.03
N HIS B 33 10.70 -18.61 -15.97
CA HIS B 33 9.74 -17.61 -15.47
C HIS B 33 8.84 -17.05 -16.59
N CYS B 34 8.44 -17.91 -17.54
CA CYS B 34 7.88 -17.39 -18.81
C CYS B 34 6.41 -16.99 -18.79
N ALA B 35 5.70 -17.38 -17.73
CA ALA B 35 4.30 -16.95 -17.58
C ALA B 35 4.04 -16.48 -16.13
N VAL B 36 4.91 -15.62 -15.63
CA VAL B 36 4.86 -15.18 -14.24
C VAL B 36 4.22 -13.82 -14.14
N ASP B 37 3.18 -13.74 -13.31
CA ASP B 37 2.54 -12.49 -12.96
C ASP B 37 2.66 -12.29 -11.44
N GLY B 38 3.58 -11.42 -11.04
CA GLY B 38 3.80 -11.16 -9.60
C GLY B 38 5.26 -11.12 -9.21
N PHE B 39 5.53 -11.12 -7.90
CA PHE B 39 6.86 -10.88 -7.35
C PHE B 39 7.56 -12.21 -7.20
N LEU B 40 8.75 -12.36 -7.81
CA LEU B 40 9.50 -13.62 -7.70
C LEU B 40 9.89 -13.93 -6.27
N CYS B 41 9.43 -15.06 -5.74
CA CYS B 41 9.75 -15.45 -4.36
C CYS B 41 11.26 -15.42 -4.03
N SER B 42 12.10 -15.68 -5.03
CA SER B 42 13.56 -15.77 -4.81
C SER B 42 14.19 -14.40 -4.46
N CYS B 43 13.39 -13.32 -4.59
CA CYS B 43 13.76 -11.97 -4.24
C CYS B 43 13.13 -11.51 -2.93
N CYS B 44 12.39 -12.41 -2.31
CA CYS B 44 11.47 -12.07 -1.23
C CYS B 44 11.83 -12.82 0.04
N GLY B 45 13.03 -13.39 0.08
CA GLY B 45 13.46 -14.13 1.25
C GLY B 45 13.39 -15.63 1.07
N GLY B 46 12.93 -16.08 -0.10
CA GLY B 46 12.76 -17.51 -0.35
C GLY B 46 13.69 -17.96 -1.45
N THR B 47 13.38 -19.08 -2.06
CA THR B 47 14.06 -19.48 -3.30
C THR B 47 13.00 -19.79 -4.36
N THR B 48 13.43 -20.20 -5.55
CA THR B 48 12.50 -20.59 -6.61
C THR B 48 11.51 -21.64 -6.13
N THR B 49 11.93 -22.50 -5.20
CA THR B 49 11.09 -23.62 -4.77
C THR B 49 10.73 -23.59 -3.27
N THR B 50 11.01 -22.48 -2.59
CA THR B 50 10.63 -22.36 -1.17
C THR B 50 9.96 -21.01 -0.90
N CYS B 51 8.84 -21.04 -0.18
CA CYS B 51 8.18 -19.83 0.21
C CYS B 51 9.05 -19.07 1.21
N PRO B 52 9.09 -17.74 1.12
CA PRO B 52 9.71 -16.93 2.17
C PRO B 52 9.10 -17.30 3.52
N PRO B 53 9.86 -17.18 4.61
CA PRO B 53 9.36 -17.57 5.94
C PRO B 53 8.02 -16.92 6.25
N GLY B 54 7.08 -17.72 6.75
CA GLY B 54 5.80 -17.21 7.22
C GLY B 54 4.81 -17.00 6.11
N SER B 55 5.15 -17.45 4.89
CA SER B 55 4.20 -17.50 3.77
C SER B 55 4.00 -18.95 3.32
N THR B 56 2.83 -19.23 2.75
CA THR B 56 2.32 -20.60 2.56
C THR B 56 2.12 -20.91 1.06
N PRO B 57 2.53 -22.11 0.62
CA PRO B 57 2.33 -22.50 -0.78
C PRO B 57 0.85 -22.61 -1.13
N SER B 58 0.47 -22.13 -2.31
CA SER B 58 -0.87 -22.42 -2.83
C SER B 58 -0.92 -23.86 -3.32
N PRO B 59 -1.98 -24.59 -2.95
CA PRO B 59 -2.12 -25.99 -3.40
C PRO B 59 -2.45 -26.05 -4.89
N ILE B 60 -2.94 -24.95 -5.43
CA ILE B 60 -3.25 -24.79 -6.85
C ILE B 60 -2.34 -23.74 -7.47
N SER B 61 -2.44 -23.60 -8.79
CA SER B 61 -1.57 -22.71 -9.55
C SER B 61 -2.06 -22.65 -10.98
N TRQ B 62 -1.59 -21.66 -11.73
CA TRQ B 62 -1.68 -21.74 -13.17
C TRQ B 62 -0.47 -22.52 -13.70
O TRQ B 62 0.52 -22.72 -12.98
CB TRQ B 62 -1.83 -20.33 -13.80
CG TRQ B 62 -0.75 -19.33 -13.49
CD1 TRQ B 62 0.35 -19.11 -14.25
NE1 TRQ B 62 1.12 -18.12 -13.69
CE2 TRQ B 62 0.50 -17.67 -12.55
CZ2 TRQ B 62 0.90 -16.67 -11.66
CH2 TRQ B 62 0.11 -16.43 -10.57
CZ3 TRQ B 62 -1.08 -17.14 -10.38
CE3 TRQ B 62 -1.49 -18.09 -11.27
CD2 TRQ B 62 -0.68 -18.39 -12.38
O7 TRQ B 62 2.14 -16.03 -11.97
N ILE B 63 -0.55 -22.98 -14.93
CA ILE B 63 0.51 -23.82 -15.48
C ILE B 63 0.84 -23.36 -16.90
N GLY B 64 1.97 -23.82 -17.42
CA GLY B 64 2.33 -23.58 -18.81
C GLY B 64 3.62 -24.28 -19.17
N THR B 65 4.06 -24.14 -20.42
CA THR B 65 5.36 -24.66 -20.79
C THR B 65 6.30 -23.53 -21.15
N CYS B 66 7.58 -23.74 -20.83
CA CYS B 66 8.66 -22.80 -21.09
C CYS B 66 9.76 -23.51 -21.89
N HIS B 67 10.35 -22.80 -22.84
CA HIS B 67 11.45 -23.31 -23.58
C HIS B 67 12.75 -23.04 -22.83
N ASN B 68 13.60 -24.05 -22.76
CA ASN B 68 14.91 -23.93 -22.13
C ASN B 68 15.95 -23.73 -23.22
N PRO B 69 16.47 -22.52 -23.37
CA PRO B 69 17.40 -22.23 -24.44
C PRO B 69 18.72 -22.98 -24.26
N HIS B 70 18.95 -23.49 -23.06
CA HIS B 70 20.25 -24.06 -22.71
C HIS B 70 20.42 -25.50 -23.19
N ASP B 71 19.47 -26.36 -22.82
CA ASP B 71 19.45 -27.76 -23.26
C ASP B 71 18.46 -28.00 -24.42
N GLY B 72 17.88 -26.91 -24.93
CA GLY B 72 17.00 -26.96 -26.11
C GLY B 72 15.62 -27.60 -25.94
N LYS B 73 15.28 -28.02 -24.72
CA LYS B 73 14.03 -28.73 -24.45
C LYS B 73 12.95 -27.83 -23.88
N ASP B 74 11.71 -28.32 -23.87
CA ASP B 74 10.56 -27.58 -23.32
C ASP B 74 10.09 -28.22 -22.04
N TYR B 75 9.72 -27.38 -21.08
CA TYR B 75 9.35 -27.88 -19.77
C TYR B 75 7.99 -27.38 -19.37
N LEU B 76 7.28 -28.22 -18.61
CA LEU B 76 6.04 -27.85 -17.95
C LEU B 76 6.39 -27.19 -16.62
N ILE B 77 5.85 -25.99 -16.42
CA ILE B 77 6.06 -25.24 -15.20
C ILE B 77 4.73 -25.12 -14.44
N SER B 78 4.78 -25.26 -13.13
CA SER B 78 3.62 -24.95 -12.31
C SER B 78 3.90 -23.67 -11.54
N TYR B 79 3.02 -22.69 -11.71
CA TYR B 79 3.25 -21.37 -11.10
C TYR B 79 2.47 -21.20 -9.80
N HIS B 80 3.03 -21.73 -8.73
CA HIS B 80 2.45 -21.59 -7.41
C HIS B 80 2.76 -20.21 -6.83
N ASP B 81 1.87 -19.73 -5.98
CA ASP B 81 2.08 -18.51 -5.22
C ASP B 81 2.44 -18.87 -3.78
N CYS B 82 2.99 -17.90 -3.06
CA CYS B 82 3.09 -18.01 -1.62
C CYS B 82 2.12 -16.98 -1.03
N CYS B 83 1.47 -17.36 0.08
CA CYS B 83 0.25 -16.72 0.51
C CYS B 83 0.25 -16.38 2.00
N GLY B 84 -0.60 -15.42 2.38
CA GLY B 84 -0.81 -15.09 3.79
C GLY B 84 0.11 -14.06 4.39
N LYS B 85 0.85 -13.33 3.56
CA LYS B 85 1.57 -12.11 3.96
C LYS B 85 1.36 -11.07 2.88
N THR B 86 1.55 -9.81 3.21
CA THR B 86 1.31 -8.74 2.26
C THR B 86 2.37 -8.74 1.14
N ALA B 87 2.05 -8.03 0.05
CA ALA B 87 2.83 -8.05 -1.18
C ALA B 87 4.31 -7.85 -0.89
N CYS B 88 5.12 -8.78 -1.37
CA CYS B 88 6.57 -8.67 -1.26
C CYS B 88 7.10 -7.37 -1.90
N GLY B 89 6.61 -7.08 -3.11
CA GLY B 89 6.91 -5.84 -3.82
C GLY B 89 8.21 -5.83 -4.60
N ARG B 90 8.94 -6.93 -4.59
CA ARG B 90 10.25 -7.03 -5.26
C ARG B 90 10.24 -7.99 -6.43
N CYS B 91 11.00 -7.65 -7.47
CA CYS B 91 11.09 -8.42 -8.73
C CYS B 91 9.72 -8.72 -9.34
N GLN B 92 9.00 -7.67 -9.69
CA GLN B 92 7.68 -7.83 -10.29
C GLN B 92 7.84 -8.30 -11.74
N CYS B 93 7.18 -9.40 -12.09
CA CYS B 93 7.19 -9.90 -13.44
C CYS B 93 5.80 -9.93 -14.02
N ASN B 94 5.71 -9.75 -15.34
CA ASN B 94 4.44 -9.90 -16.02
C ASN B 94 4.61 -10.59 -17.38
N THR B 95 5.23 -11.77 -17.37
CA THR B 95 5.40 -12.54 -18.61
C THR B 95 4.19 -13.42 -18.93
N GLN B 96 4.04 -13.74 -20.21
CA GLN B 96 2.74 -14.20 -20.72
C GLN B 96 2.85 -15.26 -21.83
N THR B 97 4.01 -15.90 -21.92
CA THR B 97 4.22 -16.97 -22.86
C THR B 97 3.20 -18.06 -22.61
N ARG B 98 2.33 -18.24 -23.60
CA ARG B 98 1.30 -19.31 -23.61
C ARG B 98 0.20 -19.15 -22.54
N GLU B 99 0.17 -17.99 -21.88
CA GLU B 99 -0.93 -17.66 -20.98
C GLU B 99 -2.19 -17.46 -21.82
N ARG B 100 -3.33 -17.85 -21.26
CA ARG B 100 -4.61 -17.75 -21.97
C ARG B 100 -5.66 -17.21 -21.00
N PRO B 101 -6.77 -16.68 -21.50
CA PRO B 101 -7.81 -16.10 -20.64
C PRO B 101 -8.50 -17.11 -19.70
N GLY B 102 -9.37 -16.59 -18.85
CA GLY B 102 -10.02 -17.41 -17.80
C GLY B 102 -10.95 -18.54 -18.25
N TYR B 103 -11.31 -18.56 -19.54
CA TYR B 103 -12.04 -19.73 -20.12
C TYR B 103 -11.08 -20.90 -20.40
N GLU B 104 -9.79 -20.68 -20.18
CA GLU B 104 -8.78 -21.73 -20.04
C GLU B 104 -8.07 -21.56 -18.68
N PHE B 105 -8.83 -21.78 -17.62
CA PHE B 105 -8.54 -21.18 -16.32
C PHE B 105 -7.17 -21.45 -15.72
N PHE B 106 -6.64 -22.67 -15.91
CA PHE B 106 -5.35 -23.07 -15.36
C PHE B 106 -4.15 -22.69 -16.21
N LEU B 107 -4.43 -22.07 -17.36
CA LEU B 107 -3.41 -21.39 -18.14
C LEU B 107 -3.43 -19.86 -17.89
N HIS B 108 -4.34 -19.40 -17.03
CA HIS B 108 -4.58 -17.98 -16.78
C HIS B 108 -3.82 -17.41 -15.55
N ASN B 109 -3.09 -16.31 -15.76
CA ASN B 109 -2.33 -15.70 -14.64
C ASN B 109 -2.79 -14.31 -14.17
N ASP B 110 -3.95 -13.86 -14.62
CA ASP B 110 -4.55 -12.61 -14.10
C ASP B 110 -5.49 -12.83 -12.92
N VAL B 111 -5.41 -14.00 -12.30
CA VAL B 111 -6.14 -14.27 -11.08
C VAL B 111 -5.13 -14.57 -9.99
N ASN B 112 -5.60 -14.51 -8.74
CA ASN B 112 -4.79 -14.82 -7.58
C ASN B 112 -4.79 -16.35 -7.31
N TRP B 113 -3.68 -17.02 -7.59
CA TRP B 113 -3.62 -18.46 -7.32
C TRP B 113 -3.55 -18.85 -5.81
N CYS B 114 -3.52 -17.82 -4.95
CA CYS B 114 -3.73 -17.95 -3.50
C CYS B 114 -5.22 -18.01 -3.13
N MET B 115 -6.11 -17.92 -4.14
CA MET B 115 -7.56 -17.76 -3.91
C MET B 115 -8.19 -18.81 -2.98
N ALA B 116 -7.61 -20.02 -2.94
CA ALA B 116 -8.16 -21.09 -2.07
C ALA B 116 -7.34 -21.36 -0.79
N ASN B 117 -6.29 -20.57 -0.55
CA ASN B 117 -5.49 -20.70 0.67
C ASN B 117 -6.26 -20.24 1.89
N GLU B 118 -5.83 -20.68 3.08
CA GLU B 118 -6.46 -20.29 4.35
C GLU B 118 -6.46 -18.77 4.50
N ASN B 119 -5.35 -18.12 4.15
CA ASN B 119 -5.37 -16.68 3.91
C ASN B 119 -4.96 -16.35 2.49
N SER B 120 -5.86 -15.74 1.73
CA SER B 120 -5.64 -15.49 0.30
C SER B 120 -4.79 -14.25 -0.06
N THR B 121 -4.30 -13.51 0.92
CA THR B 121 -3.40 -12.39 0.65
C THR B 121 -2.19 -12.89 -0.13
N PHE B 122 -1.93 -12.26 -1.27
CA PHE B 122 -0.87 -12.64 -2.19
C PHE B 122 0.48 -12.02 -1.76
N HIS B 123 1.49 -12.89 -1.62
CA HIS B 123 2.80 -12.44 -1.17
C HIS B 123 3.81 -12.42 -2.31
N CYS B 124 3.97 -13.57 -2.98
CA CYS B 124 4.92 -13.69 -4.07
C CYS B 124 4.56 -14.91 -4.90
N THR B 125 5.18 -15.01 -6.06
CA THR B 125 4.91 -16.10 -6.95
C THR B 125 6.21 -16.77 -7.39
N THR B 126 6.11 -18.00 -7.85
CA THR B 126 7.29 -18.69 -8.32
C THR B 126 7.00 -19.71 -9.43
N SER B 127 8.06 -20.38 -9.87
CA SER B 127 8.03 -21.22 -11.03
C SER B 127 8.56 -22.61 -10.65
N VAL B 128 7.65 -23.57 -10.53
CA VAL B 128 8.00 -24.92 -10.09
C VAL B 128 8.09 -25.88 -11.27
N LEU B 129 9.25 -26.50 -11.43
CA LEU B 129 9.50 -27.43 -12.54
C LEU B 129 8.76 -28.75 -12.36
N VAL B 130 7.75 -28.97 -13.22
CA VAL B 130 7.00 -30.23 -13.18
C VAL B 130 7.72 -31.32 -13.96
N GLY B 131 8.18 -30.99 -15.16
CA GLY B 131 8.94 -31.93 -15.97
C GLY B 131 8.92 -31.63 -17.45
N LEU B 132 9.51 -32.55 -18.23
CA LEU B 132 9.55 -32.40 -19.68
C LEU B 132 8.17 -32.12 -20.27
N ARG C 1 -12.08 33.29 11.56
CA ARG C 1 -12.94 32.29 12.26
C ARG C 1 -13.52 31.28 11.27
N GLU C 2 -12.76 30.20 11.04
CA GLU C 2 -13.19 29.12 10.16
C GLU C 2 -13.57 27.89 10.95
N VAL C 3 -14.50 27.09 10.43
CA VAL C 3 -14.87 25.80 11.02
C VAL C 3 -14.81 24.65 9.99
N LEU C 4 -14.07 23.59 10.32
CA LEU C 4 -13.99 22.40 9.49
C LEU C 4 -15.30 21.59 9.53
N THR C 5 -15.81 21.20 8.35
CA THR C 5 -17.03 20.39 8.26
C THR C 5 -16.87 19.17 7.34
N GLY C 6 -17.64 18.12 7.64
CA GLY C 6 -17.76 16.96 6.74
C GLY C 6 -19.17 16.88 6.14
N GLY C 7 -19.57 15.68 5.70
CA GLY C 7 -20.93 15.44 5.21
C GLY C 7 -21.21 16.01 3.81
N HIS C 8 -20.15 16.49 3.14
CA HIS C 8 -20.26 17.06 1.80
C HIS C 8 -20.30 16.04 0.68
N SER C 9 -20.83 16.45 -0.47
CA SER C 9 -20.97 15.60 -1.65
C SER C 9 -19.92 15.97 -2.69
N VAL C 10 -19.75 15.09 -3.68
CA VAL C 10 -18.84 15.38 -4.80
C VAL C 10 -19.26 16.70 -5.41
N SER C 11 -18.28 17.57 -5.61
CA SER C 11 -18.49 18.95 -5.99
C SER C 11 -18.79 19.14 -7.47
N ALA C 12 -18.37 18.19 -8.33
CA ALA C 12 -18.71 18.25 -9.76
C ALA C 12 -19.93 17.40 -10.06
N PRO C 13 -20.68 17.78 -11.11
CA PRO C 13 -21.88 17.02 -11.51
C PRO C 13 -21.54 15.60 -11.98
N GLN C 14 -22.47 14.67 -11.77
CA GLN C 14 -22.30 13.25 -12.12
C GLN C 14 -21.74 13.02 -13.52
N GLU C 15 -22.18 13.83 -14.49
CA GLU C 15 -21.85 13.61 -15.88
C GLU C 15 -20.38 13.92 -16.18
N ASN C 16 -19.68 14.53 -15.22
CA ASN C 16 -18.24 14.82 -15.34
C ASN C 16 -17.35 13.75 -14.71
N ARG C 17 -17.98 12.84 -13.97
CA ARG C 17 -17.25 11.89 -13.11
C ARG C 17 -16.73 10.64 -13.82
N ILE C 18 -15.48 10.31 -13.56
CA ILE C 18 -14.96 8.98 -13.93
C ILE C 18 -14.41 8.23 -12.72
N TYR C 19 -14.30 6.92 -12.84
CA TYR C 19 -13.97 6.05 -11.73
C TYR C 19 -12.76 5.25 -12.17
N VAL C 20 -11.62 5.55 -11.54
CA VAL C 20 -10.38 4.84 -11.84
C VAL C 20 -10.11 3.78 -10.76
N MET C 21 -10.28 2.51 -11.11
CA MET C 21 -10.08 1.43 -10.14
C MET C 21 -8.59 1.19 -9.93
N ASP C 22 -8.07 1.67 -8.81
CA ASP C 22 -6.65 1.52 -8.53
C ASP C 22 -6.45 0.27 -7.65
N SER C 23 -5.87 -0.76 -8.23
CA SER C 23 -5.56 -1.99 -7.49
C SER C 23 -4.41 -1.83 -6.51
N VAL C 24 -3.54 -0.83 -6.75
CA VAL C 24 -2.38 -0.61 -5.90
C VAL C 24 -1.69 -1.96 -5.66
N PHE C 25 -1.38 -2.67 -6.74
CA PHE C 25 -0.81 -3.99 -6.67
C PHE C 25 0.39 -4.11 -5.68
N MET C 26 1.21 -3.06 -5.57
CA MET C 26 2.33 -3.05 -4.59
C MET C 26 1.87 -3.13 -3.13
N HIS C 27 0.63 -2.70 -2.86
CA HIS C 27 0.03 -2.75 -1.54
C HIS C 27 -1.46 -3.06 -1.70
N LEU C 28 -1.69 -4.29 -2.14
CA LEU C 28 -2.96 -4.72 -2.69
C LEU C 28 -4.10 -4.77 -1.68
N THR C 29 -3.76 -4.83 -0.38
CA THR C 29 -4.79 -4.71 0.68
C THR C 29 -5.33 -3.30 0.85
N GLU C 30 -4.80 -2.34 0.07
CA GLU C 30 -5.32 -0.97 0.10
C GLU C 30 -5.71 -0.43 -1.27
N SER C 31 -6.27 -1.29 -2.12
CA SER C 31 -6.86 -0.85 -3.38
C SER C 31 -7.95 0.19 -3.09
N ARG C 32 -8.32 0.96 -4.11
CA ARG C 32 -9.33 2.02 -3.95
C ARG C 32 -9.78 2.54 -5.30
N VAL C 33 -10.96 3.13 -5.31
CA VAL C 33 -11.49 3.78 -6.48
C VAL C 33 -11.14 5.25 -6.37
N HIS C 34 -10.39 5.78 -7.35
CA HIS C 34 -10.20 7.23 -7.47
C HIS C 34 -11.28 7.86 -8.37
N VAL C 35 -12.02 8.82 -7.80
CA VAL C 35 -13.07 9.53 -8.54
C VAL C 35 -12.51 10.81 -9.19
N TYR C 36 -12.57 10.91 -10.53
CA TYR C 36 -12.04 12.08 -11.24
C TYR C 36 -13.07 12.84 -12.08
N ASP C 37 -12.79 14.13 -12.27
CA ASP C 37 -13.50 14.96 -13.24
C ASP C 37 -12.77 14.88 -14.57
N TYR C 38 -13.37 14.21 -15.57
CA TYR C 38 -12.67 14.06 -16.86
C TYR C 38 -12.49 15.37 -17.64
N THR C 39 -13.29 16.41 -17.33
CA THR C 39 -13.25 17.68 -18.09
C THR C 39 -12.04 18.59 -17.75
N ASN C 40 -11.56 18.51 -16.51
CA ASN C 40 -10.44 19.32 -16.02
C ASN C 40 -9.38 18.55 -15.21
N GLY C 41 -9.58 17.25 -15.01
CA GLY C 41 -8.57 16.42 -14.34
C GLY C 41 -8.47 16.53 -12.83
N LYS C 42 -9.48 17.14 -12.20
CA LYS C 42 -9.55 17.33 -10.75
C LYS C 42 -9.95 16.02 -10.06
N PHE C 43 -9.23 15.69 -8.99
CA PHE C 43 -9.52 14.57 -8.10
C PHE C 43 -10.71 14.97 -7.23
N LEU C 44 -11.78 14.19 -7.28
CA LEU C 44 -13.01 14.53 -6.57
C LEU C 44 -13.24 13.73 -5.28
N GLY C 45 -12.51 12.63 -5.12
CA GLY C 45 -12.74 11.78 -3.96
C GLY C 45 -12.33 10.35 -4.20
N MET C 46 -12.72 9.48 -3.28
CA MET C 46 -12.29 8.09 -3.37
C MET C 46 -13.10 7.17 -2.49
N VAL C 47 -13.10 5.90 -2.86
CA VAL C 47 -13.75 4.86 -2.07
C VAL C 47 -12.73 3.75 -1.78
N PRO C 48 -12.51 3.45 -0.50
CA PRO C 48 -11.55 2.38 -0.12
C PRO C 48 -12.13 0.99 -0.39
N THR C 49 -11.33 0.10 -1.00
CA THR C 49 -11.82 -1.23 -1.37
C THR C 49 -10.93 -2.41 -0.95
N ALA C 50 -10.16 -2.23 0.13
CA ALA C 50 -9.38 -3.32 0.76
C ALA C 50 -8.57 -4.13 -0.24
N PHE C 51 -8.60 -5.45 -0.08
CA PHE C 51 -7.82 -6.33 -0.98
C PHE C 51 -8.50 -6.51 -2.33
N ASN C 52 -7.80 -6.03 -3.36
CA ASN C 52 -8.17 -6.29 -4.75
C ASN C 52 -9.63 -5.97 -5.03
N GLY C 53 -10.00 -4.73 -4.77
CA GLY C 53 -11.40 -4.34 -4.95
C GLY C 53 -11.74 -4.33 -6.43
N HIS C 54 -13.04 -4.47 -6.71
CA HIS C 54 -13.66 -4.32 -8.02
C HIS C 54 -14.79 -3.35 -7.82
N VAL C 55 -15.22 -2.68 -8.90
CA VAL C 55 -16.18 -1.57 -8.77
C VAL C 55 -17.03 -1.41 -10.04
N GLN C 56 -18.23 -0.87 -9.86
CA GLN C 56 -19.10 -0.46 -10.95
C GLN C 56 -20.05 0.58 -10.37
N VAL C 57 -20.70 1.35 -11.25
CA VAL C 57 -21.70 2.31 -10.82
C VAL C 57 -23.10 1.75 -11.11
N SER C 58 -24.06 1.94 -10.20
CA SER C 58 -25.44 1.51 -10.51
C SER C 58 -25.88 2.17 -11.81
N ASN C 59 -26.54 1.38 -12.63
CA ASN C 59 -27.12 1.86 -13.88
C ASN C 59 -27.84 3.21 -13.75
N ASP C 60 -28.48 3.44 -12.60
CA ASP C 60 -29.23 4.69 -12.39
C ASP C 60 -28.39 5.85 -11.84
N GLY C 61 -27.10 5.58 -11.61
CA GLY C 61 -26.15 6.64 -11.28
C GLY C 61 -26.22 7.10 -9.83
N LYS C 62 -27.02 6.40 -9.04
CA LYS C 62 -27.24 6.81 -7.65
C LYS C 62 -26.21 6.19 -6.70
N LYS C 63 -25.73 4.99 -7.02
CA LYS C 63 -24.87 4.27 -6.09
C LYS C 63 -23.60 3.77 -6.76
N ILE C 64 -22.62 3.47 -5.93
CA ILE C 64 -21.39 2.80 -6.35
C ILE C 64 -21.41 1.44 -5.68
N TYR C 65 -21.13 0.39 -6.46
CA TYR C 65 -20.98 -0.95 -5.92
C TYR C 65 -19.50 -1.34 -5.92
N THR C 66 -19.04 -1.89 -4.80
CA THR C 66 -17.72 -2.46 -4.76
C THR C 66 -17.83 -3.92 -4.41
N MET C 67 -16.80 -4.67 -4.76
CA MET C 67 -16.70 -6.05 -4.31
C MET C 67 -15.29 -6.26 -3.81
N THR C 68 -15.18 -6.81 -2.60
CA THR C 68 -13.86 -7.00 -2.00
C THR C 68 -13.79 -8.19 -1.05
N THR C 69 -12.60 -8.39 -0.49
CA THR C 69 -12.34 -9.42 0.52
C THR C 69 -11.76 -8.80 1.78
N TYR C 70 -12.33 -9.16 2.95
CA TYR C 70 -11.74 -8.84 4.26
C TYR C 70 -11.30 -10.12 5.00
N HIS C 71 -10.38 -9.98 5.96
CA HIS C 71 -10.13 -11.00 6.99
C HIS C 71 -10.09 -10.25 8.32
N GLU C 72 -10.46 -10.92 9.41
CA GLU C 72 -10.46 -10.28 10.75
C GLU C 72 -9.13 -9.63 11.10
N ARG C 73 -8.02 -10.25 10.69
CA ARG C 73 -6.69 -9.69 10.92
C ARG C 73 -5.92 -9.57 9.62
N ILE C 74 -6.65 -9.27 8.55
CA ILE C 74 -6.08 -9.04 7.20
C ILE C 74 -5.33 -10.23 6.63
N THR C 75 -4.24 -10.64 7.28
CA THR C 75 -3.44 -11.77 6.81
C THR C 75 -3.71 -13.07 7.60
N ARG C 76 -4.61 -13.00 8.57
CA ARG C 76 -5.09 -14.18 9.26
C ARG C 76 -6.51 -13.88 9.70
N GLY C 77 -7.20 -14.89 10.25
CA GLY C 77 -8.60 -14.74 10.66
C GLY C 77 -9.56 -15.13 9.55
N LYS C 78 -10.85 -15.09 9.86
CA LYS C 78 -11.90 -15.49 8.91
C LYS C 78 -12.09 -14.52 7.75
N ARG C 79 -12.31 -15.10 6.57
CA ARG C 79 -12.57 -14.41 5.31
C ARG C 79 -14.00 -13.87 5.24
N SER C 80 -14.14 -12.63 4.76
CA SER C 80 -15.46 -12.11 4.38
C SER C 80 -15.38 -11.51 2.98
N ASP C 81 -16.02 -12.18 2.02
CA ASP C 81 -16.21 -11.64 0.68
C ASP C 81 -17.55 -10.92 0.69
N VAL C 82 -17.56 -9.69 0.18
CA VAL C 82 -18.72 -8.84 0.25
C VAL C 82 -18.88 -8.05 -1.06
N VAL C 83 -20.11 -7.61 -1.33
CA VAL C 83 -20.38 -6.47 -2.15
C VAL C 83 -20.74 -5.35 -1.17
N GLU C 84 -20.32 -4.12 -1.47
CA GLU C 84 -20.75 -2.97 -0.68
C GLU C 84 -21.49 -1.98 -1.56
N VAL C 85 -22.55 -1.38 -1.01
CA VAL C 85 -23.27 -0.29 -1.66
C VAL C 85 -22.87 1.03 -1.01
N TRP C 86 -22.46 1.98 -1.85
CA TRP C 86 -22.00 3.30 -1.44
C TRP C 86 -22.80 4.37 -2.16
N ASP C 87 -23.15 5.45 -1.45
CA ASP C 87 -23.77 6.58 -2.10
C ASP C 87 -22.80 7.19 -3.12
N ALA C 88 -23.26 7.40 -4.35
CA ALA C 88 -22.37 7.96 -5.39
C ALA C 88 -21.97 9.41 -5.13
N ASP C 89 -22.84 10.18 -4.46
CA ASP C 89 -22.60 11.61 -4.30
C ASP C 89 -21.82 11.92 -3.01
N LYS C 90 -22.20 11.26 -1.91
CA LYS C 90 -21.58 11.49 -0.61
C LYS C 90 -20.34 10.61 -0.41
N LEU C 91 -20.18 9.62 -1.29
CA LEU C 91 -19.07 8.64 -1.24
C LEU C 91 -18.96 8.01 0.15
N THR C 92 -20.09 7.54 0.65
CA THR C 92 -20.20 6.95 1.97
C THR C 92 -20.75 5.53 1.88
N PHE C 93 -20.28 4.69 2.79
CA PHE C 93 -20.71 3.31 2.88
C PHE C 93 -22.15 3.24 3.38
N GLU C 94 -22.96 2.41 2.73
CA GLU C 94 -24.36 2.21 3.15
C GLU C 94 -24.67 0.79 3.61
N LYS C 95 -24.22 -0.21 2.86
CA LYS C 95 -24.68 -1.58 3.05
C LYS C 95 -23.65 -2.64 2.59
N GLU C 96 -23.54 -3.70 3.38
CA GLU C 96 -22.68 -4.82 3.08
C GLU C 96 -23.56 -6.01 2.70
N ILE C 97 -23.19 -6.70 1.63
CA ILE C 97 -23.91 -7.86 1.20
C ILE C 97 -22.94 -9.01 1.25
N SER C 98 -23.25 -10.01 2.09
CA SER C 98 -22.42 -11.20 2.24
C SER C 98 -22.43 -12.04 1.00
N LEU C 99 -21.23 -12.48 0.62
CA LEU C 99 -21.03 -13.39 -0.48
C LEU C 99 -20.40 -14.68 0.09
N PRO C 100 -20.53 -15.80 -0.62
CA PRO C 100 -19.71 -16.97 -0.32
C PRO C 100 -18.22 -16.62 -0.57
N PRO C 101 -17.32 -17.25 0.18
CA PRO C 101 -15.90 -16.85 0.11
C PRO C 101 -15.17 -17.38 -1.13
N LYS C 102 -15.64 -17.00 -2.32
CA LYS C 102 -15.04 -17.44 -3.58
C LYS C 102 -15.16 -16.41 -4.72
N ARG C 103 -15.51 -15.17 -4.38
CA ARG C 103 -15.53 -14.09 -5.35
C ARG C 103 -14.17 -14.00 -6.07
N VAL C 104 -14.20 -13.73 -7.37
CA VAL C 104 -12.95 -13.67 -8.15
C VAL C 104 -11.96 -12.67 -7.55
N GLN C 105 -10.75 -13.13 -7.29
CA GLN C 105 -9.64 -12.24 -6.93
C GLN C 105 -8.72 -12.21 -8.14
N GLY C 106 -8.70 -11.06 -8.80
CA GLY C 106 -7.94 -10.92 -10.03
C GLY C 106 -7.98 -9.52 -10.58
N LEU C 107 -7.31 -9.34 -11.70
CA LEU C 107 -7.27 -8.06 -12.39
C LEU C 107 -8.66 -7.61 -12.80
N ASN C 108 -8.85 -6.30 -12.87
CA ASN C 108 -10.16 -5.66 -12.99
C ASN C 108 -10.68 -5.62 -14.44
N TYR C 109 -10.92 -6.78 -15.02
CA TYR C 109 -11.68 -6.81 -16.28
C TYR C 109 -13.12 -6.40 -15.96
N ASP C 110 -13.74 -5.62 -16.86
CA ASP C 110 -15.15 -5.25 -16.70
C ASP C 110 -16.03 -6.48 -16.37
N GLY C 111 -15.81 -7.59 -17.07
CA GLY C 111 -16.76 -8.70 -17.03
C GLY C 111 -16.74 -9.56 -15.78
N LEU C 112 -15.97 -9.16 -14.77
CA LEU C 112 -15.92 -9.90 -13.50
C LEU C 112 -16.94 -9.40 -12.49
N PHE C 113 -17.42 -8.18 -12.71
CA PHE C 113 -18.32 -7.53 -11.78
C PHE C 113 -19.22 -6.61 -12.61
N ARG C 114 -20.44 -7.09 -12.84
CA ARG C 114 -21.41 -6.40 -13.72
C ARG C 114 -22.79 -6.31 -13.09
N GLN C 115 -23.79 -5.91 -13.87
CA GLN C 115 -25.18 -5.86 -13.40
C GLN C 115 -26.12 -6.13 -14.57
N THR C 116 -27.36 -6.49 -14.28
CA THR C 116 -28.35 -6.69 -15.32
C THR C 116 -28.74 -5.34 -15.90
N THR C 117 -29.27 -5.33 -17.12
CA THR C 117 -29.71 -4.07 -17.73
C THR C 117 -30.74 -3.33 -16.87
N ASP C 118 -31.70 -4.04 -16.26
CA ASP C 118 -32.68 -3.36 -15.38
C ASP C 118 -32.05 -2.83 -14.09
N GLY C 119 -30.83 -3.28 -13.79
CA GLY C 119 -30.09 -2.78 -12.64
C GLY C 119 -30.51 -3.40 -11.33
N LYS C 120 -31.35 -4.42 -11.39
CA LYS C 120 -31.89 -5.07 -10.21
C LYS C 120 -30.97 -6.16 -9.67
N PHE C 121 -30.12 -6.69 -10.53
CA PHE C 121 -29.17 -7.71 -10.10
C PHE C 121 -27.70 -7.35 -10.37
N ILE C 122 -26.85 -7.69 -9.39
CA ILE C 122 -25.40 -7.67 -9.58
C ILE C 122 -24.96 -9.08 -9.95
N VAL C 123 -24.16 -9.16 -11.01
CA VAL C 123 -23.74 -10.42 -11.58
C VAL C 123 -22.21 -10.51 -11.55
N LEU C 124 -21.68 -11.48 -10.80
CA LEU C 124 -20.28 -11.48 -10.48
C LEU C 124 -19.64 -12.84 -10.71
N GLN C 125 -18.37 -12.84 -11.09
CA GLN C 125 -17.63 -14.08 -11.29
C GLN C 125 -17.06 -14.62 -9.95
N ASN C 126 -17.28 -15.90 -9.71
CA ASN C 126 -16.63 -16.67 -8.64
C ASN C 126 -15.54 -17.56 -9.21
N ALA C 127 -14.50 -17.82 -8.40
CA ALA C 127 -13.51 -18.87 -8.70
C ALA C 127 -13.09 -19.50 -7.37
N SER C 128 -13.11 -20.83 -7.28
CA SER C 128 -12.96 -21.49 -5.99
C SER C 128 -11.82 -22.53 -5.87
N PRO C 129 -11.34 -23.13 -6.96
CA PRO C 129 -11.09 -22.44 -8.24
C PRO C 129 -12.11 -22.85 -9.34
N ALA C 130 -13.02 -23.77 -9.05
CA ALA C 130 -14.14 -24.03 -9.95
C ALA C 130 -14.90 -22.73 -10.19
N THR C 131 -15.34 -22.50 -11.43
CA THR C 131 -16.01 -21.24 -11.72
C THR C 131 -17.52 -21.32 -11.64
N SER C 132 -18.12 -20.24 -11.16
CA SER C 132 -19.56 -20.11 -11.21
C SER C 132 -19.85 -18.64 -11.22
N ILE C 133 -21.10 -18.26 -11.46
CA ILE C 133 -21.51 -16.87 -11.48
C ILE C 133 -22.48 -16.61 -10.33
N GLY C 134 -22.24 -15.57 -9.56
CA GLY C 134 -23.10 -15.23 -8.44
C GLY C 134 -24.07 -14.13 -8.79
N ILE C 135 -25.30 -14.27 -8.31
CA ILE C 135 -26.30 -13.23 -8.50
C ILE C 135 -26.63 -12.59 -7.14
N VAL C 136 -26.53 -11.27 -7.08
CA VAL C 136 -26.97 -10.49 -5.92
C VAL C 136 -28.21 -9.67 -6.30
N ASP C 137 -29.29 -9.90 -5.54
CA ASP C 137 -30.50 -9.08 -5.55
C ASP C 137 -30.18 -7.78 -4.83
N VAL C 138 -30.11 -6.68 -5.57
CA VAL C 138 -29.72 -5.39 -5.01
C VAL C 138 -30.69 -4.92 -3.90
N ALA C 139 -31.97 -4.84 -4.24
CA ALA C 139 -33.03 -4.40 -3.30
C ALA C 139 -33.10 -5.25 -2.04
N LYS C 140 -32.98 -6.58 -2.18
CA LYS C 140 -33.01 -7.46 -1.01
C LYS C 140 -31.68 -7.51 -0.25
N GLY C 141 -30.59 -7.09 -0.90
CA GLY C 141 -29.27 -7.10 -0.31
C GLY C 141 -28.82 -8.50 0.05
N ASP C 142 -29.16 -9.45 -0.83
CA ASP C 142 -28.84 -10.85 -0.62
C ASP C 142 -28.18 -11.41 -1.86
N TYR C 143 -27.27 -12.35 -1.62
CA TYR C 143 -26.78 -13.28 -2.64
C TYR C 143 -27.91 -14.30 -2.78
N VAL C 144 -28.43 -14.47 -4.00
CA VAL C 144 -29.65 -15.27 -4.20
C VAL C 144 -29.52 -16.51 -5.08
N GLU C 145 -28.51 -16.55 -5.94
CA GLU C 145 -28.38 -17.66 -6.88
C GLU C 145 -26.93 -17.94 -7.23
N ASP C 146 -26.63 -19.23 -7.42
CA ASP C 146 -25.29 -19.64 -7.78
C ASP C 146 -25.39 -20.36 -9.11
N VAL C 147 -24.79 -19.77 -10.13
CA VAL C 147 -24.90 -20.34 -11.46
C VAL C 147 -23.73 -21.26 -11.75
N THR C 148 -23.85 -22.51 -11.29
CA THR C 148 -22.80 -23.53 -11.51
C THR C 148 -22.86 -24.09 -12.92
N ALA C 149 -23.94 -23.79 -13.63
CA ALA C 149 -24.06 -24.11 -15.05
C ALA C 149 -22.92 -23.44 -15.83
N ALA C 150 -22.41 -22.33 -15.29
CA ALA C 150 -21.30 -21.57 -15.90
C ALA C 150 -19.87 -22.10 -15.63
N ALA C 151 -19.75 -23.26 -14.97
CA ALA C 151 -18.44 -23.91 -14.76
C ALA C 151 -17.69 -24.11 -16.07
N GLY C 152 -16.39 -23.82 -16.05
CA GLY C 152 -15.57 -23.87 -17.26
C GLY C 152 -15.76 -22.68 -18.20
N CYS C 153 -16.61 -21.73 -17.80
CA CYS C 153 -16.78 -20.43 -18.49
C CYS C 153 -16.18 -19.30 -17.65
N TRP C 154 -16.13 -18.09 -18.22
CA TRP C 154 -15.47 -16.96 -17.60
C TRP C 154 -16.05 -15.60 -17.99
N SER C 155 -16.31 -14.75 -16.99
CA SER C 155 -16.76 -13.35 -17.17
C SER C 155 -18.21 -13.16 -17.66
N VAL C 156 -18.73 -11.96 -17.47
CA VAL C 156 -20.14 -11.66 -17.64
C VAL C 156 -20.27 -10.55 -18.70
N ILE C 157 -21.04 -10.82 -19.74
CA ILE C 157 -21.36 -9.85 -20.76
C ILE C 157 -22.87 -9.68 -20.75
N PRO C 158 -23.35 -8.58 -20.16
CA PRO C 158 -24.78 -8.31 -20.07
C PRO C 158 -25.32 -7.95 -21.44
N GLN C 159 -26.55 -8.37 -21.71
CA GLN C 159 -27.18 -8.07 -22.99
C GLN C 159 -28.02 -6.81 -22.77
N PRO C 160 -27.57 -5.68 -23.33
CA PRO C 160 -28.26 -4.37 -23.14
C PRO C 160 -29.70 -4.29 -23.69
N ASN C 161 -30.13 -5.30 -24.42
CA ASN C 161 -31.46 -5.30 -25.05
C ASN C 161 -32.47 -6.14 -24.28
N ARG C 162 -32.00 -6.83 -23.25
CA ARG C 162 -32.86 -7.62 -22.37
C ARG C 162 -32.63 -7.21 -20.90
N PRO C 163 -33.69 -7.23 -20.08
CA PRO C 163 -33.61 -6.73 -18.71
C PRO C 163 -32.73 -7.53 -17.72
N ARG C 164 -32.71 -8.86 -17.84
CA ARG C 164 -32.07 -9.75 -16.85
C ARG C 164 -31.35 -10.92 -17.52
N SER C 165 -30.62 -10.61 -18.59
CA SER C 165 -29.97 -11.64 -19.38
C SER C 165 -28.51 -11.24 -19.53
N PHE C 166 -27.63 -12.23 -19.60
CA PHE C 166 -26.21 -11.98 -19.77
C PHE C 166 -25.59 -13.22 -20.35
N MET C 167 -24.44 -13.06 -21.00
CA MET C 167 -23.68 -14.19 -21.52
C MET C 167 -22.33 -14.32 -20.81
N THR C 168 -21.75 -15.51 -20.93
CA THR C 168 -20.39 -15.77 -20.51
C THR C 168 -19.67 -16.60 -21.58
N ILE C 169 -18.35 -16.53 -21.60
CA ILE C 169 -17.55 -17.22 -22.60
C ILE C 169 -17.06 -18.54 -22.06
N CYS C 170 -17.18 -19.60 -22.85
CA CYS C 170 -16.88 -20.94 -22.37
C CYS C 170 -15.70 -21.63 -23.04
N GLY C 171 -15.13 -22.61 -22.34
CA GLY C 171 -13.99 -23.38 -22.82
C GLY C 171 -14.20 -24.17 -24.11
N ASP C 172 -15.45 -24.25 -24.56
CA ASP C 172 -15.76 -24.84 -25.86
C ASP C 172 -15.70 -23.83 -27.04
N GLY C 173 -15.43 -22.56 -26.74
CA GLY C 173 -15.33 -21.55 -27.78
C GLY C 173 -16.67 -20.95 -28.13
N GLY C 174 -17.72 -21.34 -27.40
CA GLY C 174 -19.05 -20.77 -27.58
C GLY C 174 -19.47 -19.93 -26.37
N LEU C 175 -20.67 -19.37 -26.44
CA LEU C 175 -21.19 -18.55 -25.37
C LEU C 175 -22.38 -19.23 -24.66
N LEU C 176 -22.41 -19.10 -23.34
CA LEU C 176 -23.58 -19.49 -22.58
C LEU C 176 -24.40 -18.27 -22.18
N THR C 177 -25.69 -18.27 -22.52
CA THR C 177 -26.61 -17.22 -22.14
C THR C 177 -27.44 -17.63 -20.94
N ILE C 178 -27.55 -16.73 -19.96
CA ILE C 178 -28.35 -16.99 -18.77
C ILE C 178 -29.42 -15.91 -18.70
N ASN C 179 -30.67 -16.35 -18.56
CA ASN C 179 -31.80 -15.46 -18.35
C ASN C 179 -32.37 -15.70 -16.97
N LEU C 180 -32.46 -14.62 -16.19
CA LEU C 180 -32.91 -14.69 -14.82
C LEU C 180 -34.39 -14.38 -14.71
N GLY C 181 -35.09 -15.11 -13.84
CA GLY C 181 -36.45 -14.73 -13.45
C GLY C 181 -36.43 -13.51 -12.54
N GLU C 182 -37.62 -13.03 -12.16
CA GLU C 182 -37.75 -11.79 -11.37
C GLU C 182 -37.11 -11.92 -9.98
N ASP C 183 -36.85 -13.16 -9.56
CA ASP C 183 -36.25 -13.47 -8.26
C ASP C 183 -34.71 -13.75 -8.32
N GLY C 184 -34.10 -13.59 -9.49
CA GLY C 184 -32.64 -13.77 -9.62
C GLY C 184 -32.20 -15.21 -9.82
N LYS C 185 -33.12 -16.16 -9.66
CA LYS C 185 -32.84 -17.54 -10.04
C LYS C 185 -32.86 -17.65 -11.57
N VAL C 186 -32.05 -18.57 -12.08
CA VAL C 186 -32.03 -18.91 -13.51
C VAL C 186 -33.35 -19.53 -14.02
N ALA C 187 -34.02 -18.80 -14.90
CA ALA C 187 -35.23 -19.25 -15.57
C ALA C 187 -34.86 -20.10 -16.78
N SER C 188 -34.03 -19.55 -17.67
CA SER C 188 -33.60 -20.31 -18.85
C SER C 188 -32.13 -20.10 -19.16
N GLN C 189 -31.60 -20.95 -20.04
CA GLN C 189 -30.26 -20.80 -20.57
C GLN C 189 -30.12 -21.41 -21.97
N SER C 190 -29.10 -21.00 -22.71
CA SER C 190 -28.79 -21.58 -24.01
C SER C 190 -27.32 -21.46 -24.30
N ARG C 191 -26.82 -22.40 -25.11
CA ARG C 191 -25.43 -22.42 -25.55
C ARG C 191 -25.42 -22.14 -27.05
N SER C 192 -24.56 -21.20 -27.47
CA SER C 192 -24.37 -20.93 -28.88
C SER C 192 -23.57 -22.07 -29.51
N LYS C 193 -23.53 -22.11 -30.84
CA LYS C 193 -22.53 -22.91 -31.54
C LYS C 193 -21.13 -22.32 -31.27
N GLN C 194 -20.09 -23.09 -31.55
CA GLN C 194 -18.71 -22.62 -31.37
C GLN C 194 -18.43 -21.34 -32.19
N MET C 195 -18.03 -20.27 -31.49
CA MET C 195 -17.68 -18.99 -32.12
C MET C 195 -16.20 -18.96 -32.54
N PHE C 196 -15.31 -19.41 -31.67
CA PHE C 196 -13.88 -19.40 -32.00
C PHE C 196 -13.23 -20.71 -31.59
N SER C 197 -12.09 -21.00 -32.20
CA SER C 197 -11.23 -22.10 -31.81
C SER C 197 -10.37 -21.68 -30.63
N VAL C 198 -10.59 -22.35 -29.50
CA VAL C 198 -9.85 -22.11 -28.26
C VAL C 198 -8.32 -22.28 -28.46
N LYS C 199 -7.91 -23.38 -29.07
CA LYS C 199 -6.49 -23.62 -29.33
C LYS C 199 -5.87 -22.71 -30.40
N ASP C 200 -6.62 -22.41 -31.47
CA ASP C 200 -5.98 -21.80 -32.64
C ASP C 200 -6.17 -20.30 -32.75
N ASP C 201 -7.17 -19.76 -32.05
CA ASP C 201 -7.52 -18.35 -32.24
C ASP C 201 -8.27 -17.79 -31.02
N PRO C 202 -7.63 -17.86 -29.84
CA PRO C 202 -8.33 -17.50 -28.62
C PRO C 202 -8.59 -16.00 -28.65
N ILE C 203 -9.78 -15.63 -28.19
CA ILE C 203 -10.17 -14.25 -28.13
C ILE C 203 -9.83 -13.68 -26.77
N PHE C 204 -9.64 -12.36 -26.75
CA PHE C 204 -9.65 -11.57 -25.53
C PHE C 204 -11.09 -11.56 -25.01
N ILE C 205 -11.26 -11.65 -23.69
CA ILE C 205 -12.62 -11.64 -23.12
C ILE C 205 -13.39 -10.33 -23.22
N ALA C 206 -12.68 -9.22 -23.38
CA ALA C 206 -13.32 -7.90 -23.34
C ALA C 206 -14.19 -7.68 -24.59
N PRO C 207 -15.50 -7.52 -24.43
CA PRO C 207 -16.37 -7.29 -25.59
C PRO C 207 -16.34 -5.83 -26.07
N ALA C 208 -16.42 -5.65 -27.38
CA ALA C 208 -16.84 -4.37 -27.96
C ALA C 208 -18.35 -4.53 -28.10
N LEU C 209 -19.08 -3.94 -27.17
CA LEU C 209 -20.49 -4.29 -26.98
C LEU C 209 -21.49 -3.28 -27.52
N ASP C 210 -22.31 -3.73 -28.47
CA ASP C 210 -23.46 -2.98 -28.98
C ASP C 210 -24.72 -3.32 -28.18
N LYS C 211 -25.82 -2.67 -28.55
CA LYS C 211 -27.13 -2.89 -27.93
C LYS C 211 -27.59 -4.36 -28.03
N ASP C 212 -27.27 -5.02 -29.14
CA ASP C 212 -27.80 -6.34 -29.45
C ASP C 212 -26.74 -7.26 -30.03
N LYS C 213 -25.49 -6.82 -29.99
CA LYS C 213 -24.39 -7.72 -30.35
C LYS C 213 -23.08 -7.34 -29.67
N ALA C 214 -22.11 -8.25 -29.74
CA ALA C 214 -20.80 -8.01 -29.17
C ALA C 214 -19.71 -8.52 -30.12
N HIS C 215 -18.64 -7.76 -30.27
CA HIS C 215 -17.49 -8.18 -31.07
C HIS C 215 -16.31 -8.48 -30.15
N PHE C 216 -15.49 -9.43 -30.57
CA PHE C 216 -14.34 -9.83 -29.79
C PHE C 216 -13.15 -9.87 -30.74
N VAL C 217 -11.97 -9.47 -30.24
CA VAL C 217 -10.74 -9.59 -31.03
C VAL C 217 -9.93 -10.77 -30.53
N SER C 218 -9.10 -11.33 -31.41
CA SER C 218 -8.32 -12.51 -31.07
C SER C 218 -6.83 -12.19 -30.88
N TYR C 219 -6.10 -13.11 -30.25
CA TYR C 219 -4.63 -12.96 -30.07
C TYR C 219 -3.92 -12.68 -31.37
N TYR C 220 -4.54 -13.12 -32.47
CA TYR C 220 -3.92 -13.00 -33.78
C TYR C 220 -4.53 -11.94 -34.70
N GLY C 221 -5.32 -11.03 -34.12
CA GLY C 221 -5.92 -9.94 -34.90
C GLY C 221 -7.16 -10.25 -35.73
N ASN C 222 -7.85 -11.34 -35.40
CA ASN C 222 -9.15 -11.61 -36.01
C ASN C 222 -10.27 -11.05 -35.15
N VAL C 223 -11.45 -10.91 -35.75
CA VAL C 223 -12.62 -10.34 -35.07
C VAL C 223 -13.72 -11.41 -35.09
N TYR C 224 -14.41 -11.56 -33.97
CA TYR C 224 -15.56 -12.47 -33.84
C TYR C 224 -16.75 -11.73 -33.30
N SER C 225 -17.91 -12.35 -33.48
CA SER C 225 -19.15 -11.66 -33.28
C SER C 225 -20.17 -12.61 -32.64
N ALA C 226 -20.92 -12.08 -31.69
CA ALA C 226 -22.08 -12.76 -31.13
C ALA C 226 -23.26 -11.83 -31.26
N ASP C 227 -24.25 -12.27 -32.03
CA ASP C 227 -25.46 -11.49 -32.24
C ASP C 227 -26.59 -12.07 -31.41
N PHE C 228 -27.11 -11.24 -30.51
CA PHE C 228 -28.21 -11.62 -29.61
C PHE C 228 -29.47 -10.76 -29.78
N SER C 229 -29.62 -10.21 -30.98
CA SER C 229 -30.81 -9.44 -31.36
C SER C 229 -32.06 -10.32 -31.39
N GLY C 230 -31.89 -11.60 -31.72
CA GLY C 230 -33.00 -12.54 -31.79
C GLY C 230 -33.04 -13.54 -30.65
N ASP C 231 -33.85 -14.59 -30.79
CA ASP C 231 -34.11 -15.52 -29.66
C ASP C 231 -32.88 -16.28 -29.22
N GLU C 232 -32.09 -16.73 -30.19
CA GLU C 232 -30.87 -17.45 -29.90
C GLU C 232 -29.67 -16.64 -30.42
N VAL C 233 -28.53 -16.80 -29.74
CA VAL C 233 -27.29 -16.17 -30.14
C VAL C 233 -26.71 -16.73 -31.44
N LYS C 234 -26.45 -15.85 -32.40
CA LYS C 234 -25.85 -16.22 -33.67
C LYS C 234 -24.39 -15.75 -33.69
N VAL C 235 -23.48 -16.65 -34.04
CA VAL C 235 -22.06 -16.32 -34.03
C VAL C 235 -21.39 -16.32 -35.38
N ASP C 236 -20.37 -15.49 -35.53
CA ASP C 236 -19.65 -15.37 -36.79
C ASP C 236 -18.18 -14.98 -36.54
N GLY C 237 -17.38 -15.01 -37.60
CA GLY C 237 -15.96 -14.76 -37.49
C GLY C 237 -15.22 -15.99 -38.01
N PRO C 238 -13.96 -15.79 -38.41
CA PRO C 238 -13.25 -14.55 -38.18
C PRO C 238 -13.25 -13.60 -39.39
N TRP C 239 -13.17 -12.30 -39.12
CA TRP C 239 -12.55 -11.39 -40.09
C TRP C 239 -11.33 -10.73 -39.45
N SER C 240 -10.28 -10.57 -40.26
CA SER C 240 -9.04 -9.95 -39.84
C SER C 240 -9.13 -8.42 -39.70
N LEU C 241 -8.52 -7.89 -38.64
CA LEU C 241 -8.26 -6.45 -38.47
C LEU C 241 -7.10 -5.99 -39.36
N LEU C 242 -6.40 -6.96 -39.98
CA LEU C 242 -5.11 -6.70 -40.59
C LEU C 242 -5.20 -6.73 -42.11
N ASN C 243 -4.62 -5.73 -42.76
CA ASN C 243 -4.33 -5.77 -44.18
C ASN C 243 -2.93 -6.36 -44.40
N ASP C 244 -2.46 -6.42 -45.65
CA ASP C 244 -1.20 -7.05 -45.97
C ASP C 244 0.01 -6.37 -45.32
N GLU C 245 0.01 -5.04 -45.35
CA GLU C 245 1.06 -4.27 -44.70
C GLU C 245 1.08 -4.54 -43.19
N ASP C 246 -0.09 -4.63 -42.59
CA ASP C 246 -0.21 -4.94 -41.16
C ASP C 246 0.41 -6.29 -40.82
N LYS C 247 0.06 -7.31 -41.59
CA LYS C 247 0.51 -8.69 -41.30
C LYS C 247 2.02 -8.81 -41.41
N ALA C 248 2.60 -8.20 -42.43
CA ALA C 248 4.05 -8.22 -42.62
C ALA C 248 4.79 -7.62 -41.42
N LYS C 249 4.18 -6.65 -40.75
CA LYS C 249 4.79 -6.05 -39.58
C LYS C 249 4.34 -6.74 -38.27
N ASN C 250 3.55 -7.82 -38.42
CA ASN C 250 3.07 -8.66 -37.31
C ASN C 250 2.31 -7.88 -36.25
N TRP C 251 1.47 -6.94 -36.69
CA TRP C 251 0.62 -6.22 -35.76
C TRP C 251 -0.42 -7.17 -35.17
N VAL C 252 -0.62 -7.09 -33.85
CA VAL C 252 -1.70 -7.85 -33.16
C VAL C 252 -2.27 -7.01 -32.02
N PRO C 253 -3.45 -7.36 -31.48
CA PRO C 253 -3.97 -6.67 -30.30
C PRO C 253 -3.18 -6.96 -29.04
N GLY C 254 -3.23 -6.00 -28.11
CA GLY C 254 -2.62 -6.15 -26.78
C GLY C 254 -3.30 -5.24 -25.76
N GLY C 255 -3.48 -5.76 -24.55
CA GLY C 255 -4.11 -4.98 -23.50
C GLY C 255 -5.01 -5.83 -22.62
N TYR C 256 -5.85 -5.15 -21.85
CA TYR C 256 -6.72 -5.82 -20.89
C TYR C 256 -8.17 -5.48 -21.24
N ASN C 257 -8.69 -4.36 -20.75
CA ASN C 257 -10.00 -3.85 -21.23
C ASN C 257 -9.64 -3.08 -22.53
N LEU C 258 -9.33 -3.85 -23.58
CA LEU C 258 -8.58 -3.32 -24.74
C LEU C 258 -9.43 -2.90 -25.92
N VAL C 259 -10.75 -3.11 -25.83
CA VAL C 259 -11.64 -2.76 -26.93
C VAL C 259 -12.80 -1.88 -26.51
N GLY C 260 -13.37 -1.19 -27.49
CA GLY C 260 -14.57 -0.39 -27.29
C GLY C 260 -15.36 -0.32 -28.58
N LEU C 261 -16.65 -0.02 -28.44
CA LEU C 261 -17.50 0.21 -29.59
C LEU C 261 -18.25 1.53 -29.43
N HIS C 262 -18.13 2.38 -30.44
CA HIS C 262 -19.00 3.57 -30.55
C HIS C 262 -20.28 3.12 -31.28
N ARG C 263 -21.39 3.06 -30.56
CA ARG C 263 -22.59 2.40 -31.08
C ARG C 263 -23.22 3.11 -32.27
N ALA C 264 -23.34 4.44 -32.17
CA ALA C 264 -23.90 5.26 -33.26
C ALA C 264 -23.19 5.02 -34.61
N SER C 265 -21.87 4.92 -34.59
CA SER C 265 -21.10 4.82 -35.84
C SER C 265 -20.74 3.42 -36.26
N GLY C 266 -20.82 2.48 -35.32
CA GLY C 266 -20.31 1.13 -35.53
C GLY C 266 -18.80 1.02 -35.47
N ARG C 267 -18.13 2.08 -35.02
CA ARG C 267 -16.67 2.05 -34.91
C ARG C 267 -16.18 1.24 -33.69
N MET C 268 -15.23 0.35 -33.95
CA MET C 268 -14.56 -0.39 -32.91
C MET C 268 -13.15 0.13 -32.66
N TYR C 269 -12.80 0.29 -31.38
CA TYR C 269 -11.47 0.79 -30.96
C TYR C 269 -10.66 -0.37 -30.38
N VAL C 270 -9.41 -0.52 -30.83
CA VAL C 270 -8.57 -1.64 -30.44
C VAL C 270 -7.13 -1.18 -30.23
N PHE C 271 -6.55 -1.54 -29.09
CA PHE C 271 -5.13 -1.32 -28.82
C PHE C 271 -4.31 -2.36 -29.58
N MET C 272 -3.30 -1.89 -30.32
CA MET C 272 -2.49 -2.73 -31.20
C MET C 272 -1.00 -2.48 -30.99
N HIS C 273 -0.17 -3.47 -31.28
CA HIS C 273 1.28 -3.29 -31.27
C HIS C 273 1.90 -4.15 -32.37
N PRO C 274 3.04 -3.71 -32.94
CA PRO C 274 3.69 -4.47 -34.00
C PRO C 274 4.54 -5.58 -33.39
N ASP C 275 5.06 -6.47 -34.25
CA ASP C 275 5.99 -7.51 -33.82
C ASP C 275 5.36 -8.50 -32.84
N GLY C 276 4.05 -8.70 -32.99
CA GLY C 276 3.33 -9.70 -32.20
C GLY C 276 3.96 -11.07 -32.34
N LYS C 277 4.00 -11.79 -31.22
CA LYS C 277 4.37 -13.18 -31.16
C LYS C 277 3.77 -13.72 -29.87
N GLU C 278 3.90 -15.04 -29.65
CA GLU C 278 3.44 -15.68 -28.43
C GLU C 278 3.96 -14.91 -27.21
N GLY C 279 3.04 -14.48 -26.36
CA GLY C 279 3.42 -13.81 -25.13
C GLY C 279 3.36 -12.31 -25.14
N THR C 280 2.88 -11.74 -26.24
CA THR C 280 2.77 -10.27 -26.33
C THR C 280 1.34 -9.74 -26.14
N HIS C 281 0.42 -10.59 -25.66
CA HIS C 281 -1.00 -10.22 -25.76
C HIS C 281 -1.46 -9.19 -24.73
N LYS C 282 -0.57 -8.89 -23.77
CA LYS C 282 -0.83 -7.84 -22.81
C LYS C 282 0.13 -6.66 -22.97
N PHE C 283 0.81 -6.59 -24.13
CA PHE C 283 1.75 -5.49 -24.41
C PHE C 283 0.99 -4.14 -24.51
N PRO C 284 1.57 -3.09 -23.91
CA PRO C 284 1.10 -1.69 -24.12
C PRO C 284 0.82 -1.35 -25.59
N ALA C 285 -0.17 -0.48 -25.81
CA ALA C 285 -0.57 -0.14 -27.18
C ALA C 285 0.53 0.71 -27.82
N ALA C 286 1.01 0.29 -28.98
CA ALA C 286 1.78 1.19 -29.83
C ALA C 286 0.81 2.19 -30.48
N GLU C 287 -0.40 1.69 -30.78
CA GLU C 287 -1.42 2.47 -31.48
C GLU C 287 -2.82 2.07 -31.04
N ILE C 288 -3.76 2.98 -31.27
CA ILE C 288 -5.18 2.65 -31.27
C ILE C 288 -5.64 2.58 -32.75
N TRP C 289 -6.26 1.46 -33.13
CA TRP C 289 -6.86 1.35 -34.44
C TRP C 289 -8.35 1.57 -34.31
N VAL C 290 -8.92 2.26 -35.31
CA VAL C 290 -10.35 2.47 -35.34
C VAL C 290 -10.91 1.67 -36.52
N MET C 291 -11.77 0.72 -36.21
CA MET C 291 -12.35 -0.16 -37.22
C MET C 291 -13.81 0.20 -37.42
N ASP C 292 -14.20 0.38 -38.67
CA ASP C 292 -15.61 0.39 -39.02
C ASP C 292 -16.05 -1.08 -39.13
N THR C 293 -16.98 -1.50 -38.29
CA THR C 293 -17.33 -2.92 -38.24
C THR C 293 -18.29 -3.38 -39.34
N LYS C 294 -18.93 -2.45 -40.05
CA LYS C 294 -19.79 -2.85 -41.18
C LYS C 294 -18.96 -3.12 -42.43
N THR C 295 -17.99 -2.23 -42.70
CA THR C 295 -17.13 -2.33 -43.88
C THR C 295 -15.89 -3.18 -43.61
N LYS C 296 -15.59 -3.41 -42.32
CA LYS C 296 -14.48 -4.26 -41.88
C LYS C 296 -13.10 -3.72 -42.26
N GLN C 297 -13.00 -2.39 -42.31
CA GLN C 297 -11.76 -1.69 -42.67
C GLN C 297 -11.37 -0.73 -41.56
N ARG C 298 -10.07 -0.52 -41.42
CA ARG C 298 -9.55 0.46 -40.45
C ARG C 298 -9.78 1.86 -41.03
N VAL C 299 -10.42 2.74 -40.26
CA VAL C 299 -10.63 4.12 -40.67
C VAL C 299 -9.60 5.09 -40.03
N ALA C 300 -8.85 4.63 -39.04
CA ALA C 300 -7.88 5.49 -38.37
C ALA C 300 -6.92 4.68 -37.52
N ARG C 301 -5.74 5.25 -37.33
CA ARG C 301 -4.73 4.71 -36.44
C ARG C 301 -4.03 5.92 -35.81
N ILE C 302 -3.85 5.90 -34.49
CA ILE C 302 -3.21 7.01 -33.76
C ILE C 302 -2.25 6.44 -32.69
N PRO C 303 -1.33 7.27 -32.17
CA PRO C 303 -0.42 6.84 -31.07
C PRO C 303 -1.14 6.23 -29.85
N GLY C 304 -0.65 5.10 -29.36
CA GLY C 304 -1.29 4.39 -28.26
C GLY C 304 -1.02 5.01 -26.90
N ARG C 305 0.10 5.73 -26.78
CA ARG C 305 0.55 6.32 -25.52
C ARG C 305 0.63 5.23 -24.44
N ASP C 306 1.04 4.02 -24.86
CA ASP C 306 1.22 2.86 -23.98
C ASP C 306 -0.04 2.40 -23.23
N ALA C 307 -1.21 2.71 -23.77
CA ALA C 307 -2.47 2.39 -23.13
C ALA C 307 -2.69 0.88 -23.07
N LEU C 308 -3.42 0.44 -22.04
CA LEU C 308 -3.67 -0.97 -21.80
C LEU C 308 -5.16 -1.22 -21.66
N SER C 309 -5.87 -0.25 -21.12
CA SER C 309 -7.32 -0.38 -20.98
C SER C 309 -8.04 0.90 -21.43
N MET C 310 -9.32 0.77 -21.74
CA MET C 310 -10.09 1.90 -22.25
C MET C 310 -11.54 1.77 -21.82
N THR C 311 -12.32 2.82 -22.11
CA THR C 311 -13.78 2.79 -21.98
C THR C 311 -14.40 3.89 -22.85
N ILE C 312 -15.65 3.70 -23.24
CA ILE C 312 -16.29 4.61 -24.19
C ILE C 312 -17.52 5.21 -23.54
N ASP C 313 -17.74 6.50 -23.80
CA ASP C 313 -19.02 7.12 -23.49
C ASP C 313 -19.75 7.46 -24.79
N GLN C 314 -20.98 6.95 -24.92
CA GLN C 314 -21.78 7.12 -26.13
C GLN C 314 -22.25 8.54 -26.36
N GLN C 315 -22.96 9.12 -25.39
CA GLN C 315 -23.66 10.40 -25.60
C GLN C 315 -22.73 11.55 -25.92
N ARG C 316 -21.58 11.57 -25.23
CA ARG C 316 -20.60 12.61 -25.43
C ARG C 316 -19.51 12.24 -26.45
N ASN C 317 -19.62 11.05 -27.05
CA ASN C 317 -18.64 10.56 -28.04
C ASN C 317 -17.21 10.63 -27.53
N LEU C 318 -16.98 9.99 -26.37
CA LEU C 318 -15.66 10.01 -25.72
C LEU C 318 -15.10 8.62 -25.57
N MET C 319 -13.78 8.54 -25.67
CA MET C 319 -12.99 7.38 -25.27
C MET C 319 -11.97 7.80 -24.23
N LEU C 320 -11.91 7.02 -23.15
CA LEU C 320 -10.80 7.11 -22.17
C LEU C 320 -9.79 6.01 -22.40
N THR C 321 -8.52 6.29 -22.33
CA THR C 321 -7.51 5.26 -22.25
C THR C 321 -6.69 5.40 -21.00
N LEU C 322 -6.01 4.37 -20.60
CA LEU C 322 -5.36 4.23 -19.33
C LEU C 322 -4.17 3.29 -19.46
N ASP C 323 -2.98 3.78 -19.09
CA ASP C 323 -1.71 3.04 -19.25
C ASP C 323 -1.22 2.38 -17.95
N GLY C 324 -2.09 2.38 -16.93
CA GLY C 324 -1.75 1.93 -15.60
C GLY C 324 -1.74 3.06 -14.56
N GLY C 325 -1.30 4.24 -15.01
CA GLY C 325 -1.16 5.38 -14.12
C GLY C 325 -1.83 6.68 -14.55
N ASN C 326 -2.03 6.84 -15.87
CA ASN C 326 -2.51 8.09 -16.48
C ASN C 326 -3.73 7.82 -17.33
N VAL C 327 -4.70 8.75 -17.30
CA VAL C 327 -5.92 8.64 -18.10
C VAL C 327 -5.89 9.65 -19.25
N ASN C 328 -6.17 9.17 -20.47
CA ASN C 328 -6.21 10.06 -21.62
C ASN C 328 -7.64 10.22 -22.13
N VAL C 329 -8.05 11.46 -22.38
CA VAL C 329 -9.41 11.76 -22.84
C VAL C 329 -9.41 12.09 -24.34
N TYR C 330 -10.20 11.35 -25.10
CA TYR C 330 -10.25 11.50 -26.54
C TYR C 330 -11.64 11.85 -26.99
N ASP C 331 -11.73 12.78 -27.93
CA ASP C 331 -12.98 13.07 -28.64
C ASP C 331 -13.00 12.08 -29.78
N ILE C 332 -14.07 11.28 -29.85
CA ILE C 332 -14.25 10.30 -30.95
C ILE C 332 -15.54 10.52 -31.77
N SER C 333 -16.00 11.78 -31.85
CA SER C 333 -17.15 12.10 -32.70
C SER C 333 -16.82 12.00 -34.22
N GLN C 334 -15.53 12.06 -34.55
CA GLN C 334 -15.07 11.87 -35.93
C GLN C 334 -14.21 10.59 -36.01
N PRO C 335 -14.17 9.93 -37.17
CA PRO C 335 -13.39 8.68 -37.32
C PRO C 335 -12.02 8.73 -36.64
N GLU C 336 -11.30 9.84 -36.82
CA GLU C 336 -10.00 10.07 -36.20
C GLU C 336 -10.20 10.66 -34.80
N PRO C 337 -9.76 9.95 -33.75
CA PRO C 337 -9.89 10.47 -32.39
C PRO C 337 -8.98 11.69 -32.15
N LYS C 338 -9.49 12.66 -31.40
CA LYS C 338 -8.71 13.83 -31.00
C LYS C 338 -8.36 13.75 -29.51
N LEU C 339 -7.09 13.92 -29.17
CA LEU C 339 -6.66 13.89 -27.77
C LEU C 339 -7.02 15.22 -27.09
N LEU C 340 -7.88 15.14 -26.07
CA LEU C 340 -8.30 16.33 -25.32
C LEU C 340 -7.39 16.60 -24.14
N ARG C 341 -7.05 15.55 -23.40
CA ARG C 341 -6.19 15.76 -22.25
C ARG C 341 -5.64 14.50 -21.63
N THR C 342 -4.62 14.68 -20.81
CA THR C 342 -4.08 13.61 -20.00
C THR C 342 -4.24 13.99 -18.53
N ILE C 343 -4.78 13.07 -17.76
CA ILE C 343 -4.78 13.14 -16.30
C ILE C 343 -3.62 12.29 -15.76
N GLU C 344 -2.65 12.97 -15.16
CA GLU C 344 -1.39 12.39 -14.77
C GLU C 344 -1.51 11.93 -13.33
N GLY C 345 -1.00 10.74 -13.04
CA GLY C 345 -1.02 10.18 -11.70
C GLY C 345 -2.42 9.92 -11.19
N ALA C 346 -3.29 9.44 -12.08
CA ALA C 346 -4.67 9.14 -11.68
C ALA C 346 -4.76 7.87 -10.83
N ALA C 347 -3.72 7.04 -10.90
CA ALA C 347 -3.64 5.78 -10.15
C ALA C 347 -2.20 5.33 -10.13
N GLU C 348 -1.89 4.39 -9.23
CA GLU C 348 -0.56 3.77 -9.26
C GLU C 348 -0.55 2.51 -10.10
N ALA C 349 -1.64 1.73 -10.03
CA ALA C 349 -1.73 0.47 -10.72
C ALA C 349 -3.17 0.19 -11.12
N SER C 350 -3.66 0.94 -12.10
CA SER C 350 -5.05 0.76 -12.53
C SER C 350 -5.16 0.17 -13.94
N LEU C 351 -6.00 -0.85 -14.08
CA LEU C 351 -6.31 -1.39 -15.40
C LEU C 351 -7.77 -1.22 -15.81
N GLN C 352 -8.49 -0.39 -15.06
CA GLN C 352 -9.89 -0.15 -15.35
C GLN C 352 -10.36 1.26 -15.06
N VAL C 353 -10.96 1.87 -16.08
CA VAL C 353 -11.60 3.15 -15.93
C VAL C 353 -13.04 3.07 -16.50
N GLN C 354 -13.96 3.76 -15.82
CA GLN C 354 -15.38 3.77 -16.15
C GLN C 354 -16.00 5.18 -16.00
N PHE C 355 -16.85 5.56 -16.95
CA PHE C 355 -17.64 6.79 -16.87
C PHE C 355 -18.81 6.58 -15.93
N HIS C 356 -19.18 7.62 -15.20
CA HIS C 356 -20.51 7.67 -14.60
C HIS C 356 -21.58 7.52 -15.71
N PRO C 357 -22.61 6.70 -15.48
CA PRO C 357 -23.74 6.57 -16.41
C PRO C 357 -24.54 7.86 -16.55
N VAL C 358 -24.96 8.19 -17.78
CA VAL C 358 -25.79 9.38 -18.02
C VAL C 358 -27.14 9.07 -18.67
N GLY C 359 -27.47 7.79 -18.74
CA GLY C 359 -28.78 7.31 -19.19
C GLY C 359 -29.40 6.29 -18.23
N ARG D 1 8.64 -33.40 -9.67
CA ARG D 1 10.08 -33.12 -9.94
C ARG D 1 10.66 -32.03 -9.01
N GLU D 2 9.92 -30.94 -8.86
CA GLU D 2 10.15 -29.98 -7.79
C GLU D 2 8.82 -29.80 -7.08
N VAL D 3 8.87 -29.47 -5.80
CA VAL D 3 7.67 -29.17 -5.00
C VAL D 3 7.94 -27.89 -4.18
N LEU D 4 6.97 -26.98 -4.10
CA LEU D 4 7.13 -25.75 -3.32
C LEU D 4 6.80 -25.99 -1.84
N THR D 5 7.72 -25.63 -0.95
CA THR D 5 7.47 -25.77 0.50
C THR D 5 7.49 -24.47 1.29
N GLY D 6 6.66 -24.42 2.34
CA GLY D 6 6.73 -23.39 3.37
C GLY D 6 7.38 -23.98 4.62
N GLY D 7 7.24 -23.28 5.75
CA GLY D 7 7.74 -23.75 7.05
C GLY D 7 9.19 -23.39 7.34
N HIS D 8 9.78 -22.58 6.45
CA HIS D 8 11.21 -22.30 6.45
C HIS D 8 11.58 -21.12 7.35
N SER D 9 12.83 -21.11 7.80
CA SER D 9 13.35 -20.00 8.62
C SER D 9 14.19 -19.04 7.79
N VAL D 10 14.45 -17.87 8.37
CA VAL D 10 15.29 -16.87 7.74
C VAL D 10 16.63 -17.52 7.38
N SER D 11 17.08 -17.31 6.15
CA SER D 11 18.29 -17.95 5.66
C SER D 11 19.57 -17.52 6.40
N ALA D 12 19.68 -16.23 6.75
CA ALA D 12 20.91 -15.69 7.37
C ALA D 12 20.82 -15.80 8.88
N PRO D 13 21.97 -15.94 9.55
CA PRO D 13 21.98 -15.98 11.02
C PRO D 13 21.52 -14.65 11.61
N GLN D 14 20.92 -14.71 12.80
CA GLN D 14 20.40 -13.53 13.51
C GLN D 14 21.39 -12.39 13.61
N GLU D 15 22.68 -12.69 13.75
CA GLU D 15 23.71 -11.64 13.82
C GLU D 15 23.86 -10.82 12.52
N ASN D 16 23.23 -11.26 11.44
CA ASN D 16 23.30 -10.53 10.19
C ASN D 16 22.12 -9.60 9.97
N ARG D 17 21.15 -9.66 10.89
CA ARG D 17 19.80 -9.13 10.61
C ARG D 17 19.53 -7.73 11.13
N ILE D 18 18.78 -6.97 10.32
CA ILE D 18 18.27 -5.66 10.67
C ILE D 18 16.78 -5.59 10.25
N TYR D 19 16.06 -4.69 10.91
CA TYR D 19 14.62 -4.56 10.79
C TYR D 19 14.31 -3.16 10.38
N VAL D 20 13.88 -3.02 9.14
CA VAL D 20 13.53 -1.70 8.59
C VAL D 20 12.01 -1.55 8.71
N MET D 21 11.58 -0.64 9.57
CA MET D 21 10.16 -0.44 9.81
C MET D 21 9.60 0.46 8.71
N ASP D 22 8.87 -0.15 7.77
CA ASP D 22 8.30 0.57 6.65
C ASP D 22 6.87 0.97 6.96
N SER D 23 6.69 2.28 7.22
CA SER D 23 5.37 2.85 7.49
C SER D 23 4.48 2.78 6.28
N VAL D 24 5.07 2.75 5.08
CA VAL D 24 4.30 2.83 3.81
C VAL D 24 3.22 3.94 3.90
N PHE D 25 3.64 5.15 4.27
CA PHE D 25 2.70 6.25 4.54
C PHE D 25 1.69 6.48 3.39
N MET D 26 2.09 6.29 2.14
CA MET D 26 1.15 6.41 1.01
C MET D 26 0.00 5.38 1.11
N HIS D 27 0.26 4.29 1.82
CA HIS D 27 -0.71 3.20 2.01
C HIS D 27 -0.54 2.64 3.39
N LEU D 28 -0.83 3.51 4.35
CA LEU D 28 -0.44 3.34 5.73
C LEU D 28 -1.11 2.14 6.40
N THR D 29 -2.20 1.61 5.81
CA THR D 29 -2.79 0.35 6.35
C THR D 29 -2.02 -0.91 5.94
N GLU D 30 -1.03 -0.77 5.07
CA GLU D 30 -0.16 -1.90 4.74
C GLU D 30 1.30 -1.67 5.13
N SER D 31 1.49 -1.07 6.30
CA SER D 31 2.83 -0.99 6.91
C SER D 31 3.41 -2.39 7.13
N ARG D 32 4.74 -2.49 7.13
CA ARG D 32 5.40 -3.77 7.36
C ARG D 32 6.84 -3.57 7.81
N VAL D 33 7.40 -4.64 8.36
CA VAL D 33 8.79 -4.66 8.79
C VAL D 33 9.54 -5.41 7.68
N HIS D 34 10.54 -4.79 7.07
CA HIS D 34 11.43 -5.51 6.15
C HIS D 34 12.67 -6.00 6.89
N VAL D 35 12.94 -7.30 6.78
CA VAL D 35 14.13 -7.92 7.38
C VAL D 35 15.23 -8.02 6.30
N TYR D 36 16.40 -7.44 6.58
CA TYR D 36 17.56 -7.44 5.68
C TYR D 36 18.80 -8.04 6.36
N ASP D 37 19.72 -8.53 5.53
CA ASP D 37 21.06 -8.89 5.94
C ASP D 37 21.97 -7.69 5.70
N TYR D 38 22.51 -7.11 6.76
CA TYR D 38 23.28 -5.87 6.61
C TYR D 38 24.63 -6.08 5.91
N THR D 39 25.14 -7.32 5.97
CA THR D 39 26.45 -7.66 5.38
C THR D 39 26.44 -7.68 3.84
N ASN D 40 25.29 -7.95 3.22
CA ASN D 40 25.24 -8.10 1.77
C ASN D 40 24.01 -7.43 1.13
N GLY D 41 23.12 -6.89 1.98
CA GLY D 41 21.92 -6.21 1.52
C GLY D 41 20.79 -7.12 1.02
N LYS D 42 20.85 -8.42 1.33
CA LYS D 42 19.83 -9.36 0.87
C LYS D 42 18.55 -9.26 1.70
N PHE D 43 17.40 -9.25 1.01
CA PHE D 43 16.08 -9.25 1.61
C PHE D 43 15.79 -10.64 2.13
N LEU D 44 15.48 -10.71 3.43
CA LEU D 44 15.35 -12.01 4.12
C LEU D 44 13.90 -12.35 4.46
N GLY D 45 13.03 -11.36 4.41
CA GLY D 45 11.63 -11.59 4.79
C GLY D 45 10.97 -10.34 5.33
N MET D 46 9.74 -10.47 5.82
CA MET D 46 8.96 -9.31 6.26
C MET D 46 7.84 -9.75 7.20
N VAL D 47 7.39 -8.81 8.04
CA VAL D 47 6.26 -9.05 8.95
C VAL D 47 5.23 -7.98 8.63
N PRO D 48 4.02 -8.40 8.22
CA PRO D 48 2.91 -7.47 8.02
C PRO D 48 2.49 -6.79 9.31
N THR D 49 2.27 -5.47 9.27
CA THR D 49 1.84 -4.76 10.48
C THR D 49 0.68 -3.78 10.31
N ALA D 50 -0.22 -4.04 9.36
CA ALA D 50 -1.50 -3.32 9.27
C ALA D 50 -1.30 -1.83 9.26
N PHE D 51 -2.14 -1.12 10.03
CA PHE D 51 -2.09 0.34 10.11
C PHE D 51 -0.98 0.90 11.02
N ASN D 52 -0.02 1.59 10.42
CA ASN D 52 0.97 2.33 11.22
C ASN D 52 1.60 1.43 12.30
N GLY D 53 2.14 0.28 11.90
CA GLY D 53 2.76 -0.63 12.86
C GLY D 53 4.04 -0.07 13.45
N HIS D 54 4.36 -0.55 14.64
CA HIS D 54 5.61 -0.26 15.33
C HIS D 54 6.27 -1.61 15.61
N VAL D 55 7.58 -1.61 15.84
CA VAL D 55 8.29 -2.87 15.99
C VAL D 55 9.49 -2.79 16.92
N GLN D 56 9.78 -3.89 17.61
CA GLN D 56 11.05 -4.06 18.32
C GLN D 56 11.39 -5.55 18.39
N VAL D 57 12.64 -5.89 18.65
CA VAL D 57 13.03 -7.29 18.84
C VAL D 57 13.12 -7.59 20.33
N SER D 58 12.62 -8.75 20.77
CA SER D 58 12.76 -9.14 22.18
C SER D 58 14.23 -9.09 22.55
N ASN D 59 14.53 -8.62 23.77
CA ASN D 59 15.93 -8.54 24.26
C ASN D 59 16.72 -9.85 24.19
N ASP D 60 16.04 -10.99 24.40
CA ASP D 60 16.69 -12.31 24.22
C ASP D 60 16.88 -12.71 22.74
N GLY D 61 16.31 -11.93 21.83
CA GLY D 61 16.47 -12.13 20.39
C GLY D 61 15.67 -13.28 19.78
N LYS D 62 14.70 -13.79 20.50
CA LYS D 62 13.90 -14.92 20.03
C LYS D 62 12.61 -14.48 19.34
N LYS D 63 12.11 -13.29 19.67
CA LYS D 63 10.83 -12.86 19.14
C LYS D 63 10.91 -11.45 18.59
N ILE D 64 10.01 -11.19 17.67
CA ILE D 64 9.73 -9.86 17.22
C ILE D 64 8.38 -9.44 17.83
N TYR D 65 8.34 -8.24 18.38
CA TYR D 65 7.08 -7.67 18.86
C TYR D 65 6.59 -6.58 17.90
N THR D 66 5.31 -6.64 17.51
CA THR D 66 4.74 -5.55 16.72
C THR D 66 3.64 -4.92 17.52
N MET D 67 3.29 -3.68 17.19
CA MET D 67 2.12 -3.02 17.76
C MET D 67 1.35 -2.37 16.60
N THR D 68 0.05 -2.56 16.55
CA THR D 68 -0.69 -2.07 15.40
C THR D 68 -2.16 -1.91 15.71
N THR D 69 -2.92 -1.40 14.75
CA THR D 69 -4.37 -1.16 14.92
C THR D 69 -5.09 -1.87 13.79
N TYR D 70 -6.11 -2.66 14.14
CA TYR D 70 -7.03 -3.25 13.17
C TYR D 70 -8.40 -2.66 13.38
N HIS D 71 -9.21 -2.72 12.33
CA HIS D 71 -10.66 -2.54 12.46
C HIS D 71 -11.34 -3.68 11.73
N GLU D 72 -12.54 -4.07 12.21
CA GLU D 72 -13.33 -5.13 11.56
C GLU D 72 -13.41 -4.99 10.04
N ARG D 73 -13.59 -3.75 9.55
CA ARG D 73 -13.68 -3.49 8.12
C ARG D 73 -12.69 -2.39 7.70
N ILE D 74 -11.56 -2.35 8.41
CA ILE D 74 -10.45 -1.41 8.12
C ILE D 74 -10.80 0.06 8.33
N THR D 75 -11.69 0.59 7.50
CA THR D 75 -12.08 2.01 7.57
C THR D 75 -13.38 2.20 8.33
N ARG D 76 -14.00 1.08 8.72
CA ARG D 76 -15.15 1.11 9.62
C ARG D 76 -15.12 -0.12 10.52
N GLY D 77 -16.05 -0.16 11.49
CA GLY D 77 -16.17 -1.35 12.35
C GLY D 77 -15.26 -1.20 13.57
N LYS D 78 -15.26 -2.22 14.42
CA LYS D 78 -14.68 -2.10 15.74
C LYS D 78 -13.14 -2.07 15.67
N ARG D 79 -12.54 -1.16 16.46
CA ARG D 79 -11.08 -1.03 16.61
C ARG D 79 -10.51 -2.12 17.51
N SER D 80 -9.37 -2.69 17.12
CA SER D 80 -8.55 -3.48 18.03
C SER D 80 -7.08 -3.03 17.96
N ASP D 81 -6.59 -2.47 19.05
CA ASP D 81 -5.17 -2.16 19.16
C ASP D 81 -4.55 -3.38 19.78
N VAL D 82 -3.42 -3.81 19.25
CA VAL D 82 -2.78 -5.01 19.75
C VAL D 82 -1.25 -4.93 19.76
N VAL D 83 -0.66 -5.75 20.61
CA VAL D 83 0.72 -6.18 20.44
C VAL D 83 0.69 -7.59 19.87
N GLU D 84 1.56 -7.87 18.90
CA GLU D 84 1.71 -9.24 18.44
C GLU D 84 3.11 -9.77 18.71
N VAL D 85 3.17 -11.06 19.06
CA VAL D 85 4.43 -11.77 19.26
C VAL D 85 4.62 -12.67 18.02
N TRP D 86 5.77 -12.51 17.39
CA TRP D 86 6.13 -13.23 16.18
C TRP D 86 7.44 -13.98 16.44
N ASP D 87 7.55 -15.18 15.89
CA ASP D 87 8.80 -15.90 15.99
C ASP D 87 9.87 -15.27 15.10
N ALA D 88 11.05 -15.01 15.66
CA ALA D 88 12.09 -14.29 14.91
C ALA D 88 12.66 -15.08 13.73
N ASP D 89 12.70 -16.41 13.83
CA ASP D 89 13.31 -17.19 12.77
C ASP D 89 12.26 -17.62 11.76
N LYS D 90 11.07 -17.97 12.23
CA LYS D 90 10.02 -18.43 11.32
C LYS D 90 9.25 -17.24 10.69
N LEU D 91 9.30 -16.07 11.34
CA LEU D 91 8.51 -14.89 10.92
C LEU D 91 7.04 -15.23 10.78
N THR D 92 6.57 -16.01 11.75
CA THR D 92 5.17 -16.39 11.88
C THR D 92 4.58 -15.74 13.10
N PHE D 93 3.28 -15.45 13.04
CA PHE D 93 2.50 -14.94 14.17
C PHE D 93 2.31 -16.01 15.26
N GLU D 94 2.44 -15.63 16.52
CA GLU D 94 2.22 -16.60 17.61
C GLU D 94 1.10 -16.21 18.57
N LYS D 95 1.03 -14.95 18.94
CA LYS D 95 0.18 -14.51 20.03
C LYS D 95 -0.22 -13.04 19.83
N GLU D 96 -1.48 -12.75 20.16
CA GLU D 96 -2.00 -11.42 20.14
C GLU D 96 -2.30 -11.02 21.57
N ILE D 97 -1.91 -9.79 21.92
CA ILE D 97 -2.17 -9.25 23.26
C ILE D 97 -3.02 -8.01 23.08
N SER D 98 -4.21 -8.01 23.71
CA SER D 98 -5.14 -6.89 23.66
C SER D 98 -4.64 -5.66 24.39
N LEU D 99 -4.77 -4.51 23.73
CA LEU D 99 -4.50 -3.22 24.33
C LEU D 99 -5.79 -2.41 24.40
N PRO D 100 -5.91 -1.46 25.34
CA PRO D 100 -6.98 -0.48 25.27
C PRO D 100 -6.82 0.30 23.95
N PRO D 101 -7.93 0.78 23.34
CA PRO D 101 -7.87 1.40 21.99
C PRO D 101 -7.27 2.81 21.97
N LYS D 102 -6.02 2.93 22.44
CA LYS D 102 -5.40 4.25 22.56
C LYS D 102 -3.89 4.19 22.40
N ARG D 103 -3.37 3.10 21.83
CA ARG D 103 -1.94 3.02 21.56
C ARG D 103 -1.58 4.16 20.61
N VAL D 104 -0.38 4.70 20.74
CA VAL D 104 0.06 5.80 19.88
C VAL D 104 0.09 5.43 18.40
N GLN D 105 -0.60 6.26 17.63
CA GLN D 105 -0.55 6.24 16.18
C GLN D 105 0.32 7.43 15.78
N GLY D 106 1.45 7.14 15.14
CA GLY D 106 2.49 8.14 14.91
C GLY D 106 3.77 7.57 14.34
N LEU D 107 4.63 8.46 13.86
CA LEU D 107 5.93 8.09 13.29
C LEU D 107 6.80 7.24 14.25
N ASN D 108 7.71 6.48 13.67
CA ASN D 108 8.37 5.37 14.38
C ASN D 108 9.62 5.74 15.20
N TYR D 109 9.43 6.64 16.17
CA TYR D 109 10.47 6.89 17.15
C TYR D 109 10.66 5.65 18.02
N ASP D 110 11.92 5.32 18.33
CA ASP D 110 12.22 4.17 19.17
C ASP D 110 11.37 4.24 20.43
N GLY D 111 11.29 5.42 21.03
CA GLY D 111 10.74 5.62 22.38
C GLY D 111 9.24 5.39 22.55
N LEU D 112 8.52 5.16 21.45
CA LEU D 112 7.08 4.88 21.50
C LEU D 112 6.74 3.40 21.76
N PHE D 113 7.73 2.52 21.62
CA PHE D 113 7.47 1.08 21.70
C PHE D 113 8.76 0.38 22.14
N ARG D 114 8.85 0.11 23.45
CA ARG D 114 10.09 -0.31 24.09
C ARG D 114 9.88 -1.52 24.99
N GLN D 115 10.93 -1.91 25.70
CA GLN D 115 10.80 -2.93 26.72
C GLN D 115 11.69 -2.65 27.93
N THR D 116 11.37 -3.27 29.07
CA THR D 116 12.25 -3.16 30.23
C THR D 116 13.57 -3.85 29.91
N THR D 117 14.65 -3.47 30.59
CA THR D 117 15.95 -4.12 30.30
C THR D 117 15.93 -5.64 30.49
N ASP D 118 15.16 -6.12 31.46
CA ASP D 118 15.07 -7.56 31.70
C ASP D 118 14.25 -8.30 30.64
N GLY D 119 13.55 -7.56 29.78
CA GLY D 119 12.79 -8.18 28.68
C GLY D 119 11.41 -8.65 29.11
N LYS D 120 11.09 -8.49 30.39
CA LYS D 120 9.84 -9.03 30.94
C LYS D 120 8.59 -8.22 30.65
N PHE D 121 8.78 -6.94 30.35
CA PHE D 121 7.65 -6.03 30.08
C PHE D 121 7.85 -5.20 28.83
N ILE D 122 6.80 -5.16 28.02
CA ILE D 122 6.73 -4.25 26.89
C ILE D 122 6.19 -2.94 27.44
N VAL D 123 6.83 -1.84 27.06
CA VAL D 123 6.47 -0.55 27.62
C VAL D 123 6.15 0.39 26.46
N LEU D 124 4.89 0.82 26.36
CA LEU D 124 4.45 1.57 25.17
C LEU D 124 3.76 2.90 25.47
N GLN D 125 3.77 3.78 24.49
CA GLN D 125 3.10 5.05 24.60
C GLN D 125 1.62 5.01 24.16
N ASN D 126 0.75 5.49 25.05
CA ASN D 126 -0.66 5.73 24.75
C ASN D 126 -0.94 7.21 24.48
N ALA D 127 -1.98 7.49 23.69
CA ALA D 127 -2.48 8.84 23.45
C ALA D 127 -3.97 8.74 23.09
N SER D 128 -4.83 9.44 23.83
CA SER D 128 -6.28 9.30 23.61
C SER D 128 -7.18 10.53 23.36
N PRO D 129 -6.70 11.77 23.47
CA PRO D 129 -5.31 12.14 23.22
C PRO D 129 -4.52 12.35 24.51
N ALA D 130 -5.16 12.13 25.67
CA ALA D 130 -4.44 12.12 26.94
C ALA D 130 -3.34 11.06 26.90
N THR D 131 -2.15 11.39 27.38
CA THR D 131 -1.06 10.45 27.32
C THR D 131 -0.88 9.63 28.61
N SER D 132 -0.49 8.37 28.46
CA SER D 132 -0.13 7.51 29.57
C SER D 132 0.78 6.46 29.01
N ILE D 133 1.47 5.75 29.88
CA ILE D 133 2.32 4.67 29.42
C ILE D 133 1.65 3.32 29.70
N GLY D 134 1.61 2.45 28.71
CA GLY D 134 1.03 1.12 28.84
C GLY D 134 2.09 0.07 29.10
N ILE D 135 1.77 -0.87 30.01
CA ILE D 135 2.70 -1.94 30.37
C ILE D 135 2.07 -3.25 29.95
N VAL D 136 2.84 -4.04 29.23
CA VAL D 136 2.42 -5.38 28.86
C VAL D 136 3.37 -6.37 29.48
N ASP D 137 2.80 -7.37 30.15
CA ASP D 137 3.55 -8.42 30.77
C ASP D 137 3.65 -9.54 29.70
N VAL D 138 4.86 -9.76 29.21
CA VAL D 138 5.12 -10.68 28.12
C VAL D 138 4.78 -12.14 28.51
N ALA D 139 5.29 -12.62 29.63
CA ALA D 139 4.95 -13.98 30.08
C ALA D 139 3.44 -14.20 30.21
N LYS D 140 2.73 -13.25 30.79
CA LYS D 140 1.26 -13.35 30.91
C LYS D 140 0.55 -13.24 29.58
N GLY D 141 1.14 -12.51 28.64
CA GLY D 141 0.40 -12.11 27.44
C GLY D 141 -0.77 -11.19 27.74
N ASP D 142 -0.62 -10.30 28.73
CA ASP D 142 -1.64 -9.32 29.05
C ASP D 142 -1.11 -7.91 29.32
N TYR D 143 -1.96 -6.92 29.01
CA TYR D 143 -1.82 -5.52 29.45
C TYR D 143 -2.05 -5.48 30.96
N VAL D 144 -1.07 -4.96 31.71
CA VAL D 144 -1.13 -5.07 33.17
C VAL D 144 -1.15 -3.76 33.94
N GLU D 145 -1.06 -2.62 33.25
CA GLU D 145 -0.87 -1.34 33.93
C GLU D 145 -0.93 -0.16 32.98
N ASP D 146 -1.59 0.90 33.45
CA ASP D 146 -1.68 2.15 32.73
C ASP D 146 -0.97 3.21 33.59
N VAL D 147 0.21 3.65 33.17
CA VAL D 147 0.92 4.68 33.95
C VAL D 147 0.36 6.09 33.65
N THR D 148 -0.70 6.42 34.39
CA THR D 148 -1.36 7.73 34.27
C THR D 148 -0.52 8.85 34.90
N ALA D 149 0.40 8.48 35.79
CA ALA D 149 1.38 9.43 36.29
C ALA D 149 2.14 10.13 35.15
N ALA D 150 2.30 9.45 34.01
CA ALA D 150 3.04 10.00 32.86
C ALA D 150 2.24 10.99 32.01
N ALA D 151 1.08 11.43 32.52
CA ALA D 151 0.26 12.38 31.77
C ALA D 151 1.04 13.66 31.58
N GLY D 152 0.96 14.22 30.37
CA GLY D 152 1.75 15.40 30.01
C GLY D 152 3.20 15.09 29.66
N CYS D 153 3.55 13.80 29.64
CA CYS D 153 4.88 13.33 29.25
C CYS D 153 4.83 12.57 27.92
N TRP D 154 6.00 12.28 27.35
CA TRP D 154 6.06 11.57 26.09
C TRP D 154 7.28 10.69 25.96
N SER D 155 7.05 9.46 25.48
CA SER D 155 8.11 8.51 25.05
C SER D 155 8.79 7.81 26.23
N VAL D 156 9.45 6.69 25.93
CA VAL D 156 9.95 5.75 26.95
C VAL D 156 11.45 5.55 26.74
N ILE D 157 12.21 5.82 27.80
CA ILE D 157 13.64 5.59 27.81
C ILE D 157 13.88 4.57 28.93
N PRO D 158 14.22 3.33 28.57
CA PRO D 158 14.54 2.28 29.55
C PRO D 158 15.90 2.51 30.18
N GLN D 159 16.07 2.13 31.44
CA GLN D 159 17.36 2.26 32.12
C GLN D 159 18.09 0.93 31.97
N PRO D 160 19.17 0.94 31.18
CA PRO D 160 19.96 -0.27 30.97
C PRO D 160 20.58 -0.85 32.25
N ASN D 161 20.60 -0.07 33.34
CA ASN D 161 21.25 -0.54 34.57
C ASN D 161 20.25 -1.12 35.57
N ARG D 162 18.98 -1.19 35.16
CA ARG D 162 17.93 -1.72 36.02
C ARG D 162 17.00 -2.67 35.29
N PRO D 163 16.53 -3.71 35.98
CA PRO D 163 15.66 -4.71 35.35
C PRO D 163 14.37 -4.17 34.76
N ARG D 164 13.74 -3.20 35.41
CA ARG D 164 12.39 -2.78 35.02
C ARG D 164 12.09 -1.37 35.43
N SER D 165 12.99 -0.48 35.01
CA SER D 165 12.84 0.95 35.20
C SER D 165 13.03 1.64 33.86
N PHE D 166 12.32 2.74 33.70
CA PHE D 166 12.40 3.53 32.48
C PHE D 166 12.04 4.96 32.85
N MET D 167 12.39 5.89 31.97
CA MET D 167 12.05 7.30 32.15
C MET D 167 11.21 7.81 30.98
N THR D 168 10.59 8.96 31.19
CA THR D 168 9.87 9.64 30.14
C THR D 168 10.07 11.15 30.23
N ILE D 169 9.98 11.84 29.09
CA ILE D 169 10.21 13.29 29.07
C ILE D 169 8.92 14.07 29.30
N CYS D 170 8.94 14.97 30.28
CA CYS D 170 7.72 15.67 30.66
C CYS D 170 7.64 17.13 30.25
N GLY D 171 6.41 17.62 30.13
CA GLY D 171 6.14 18.99 29.68
C GLY D 171 6.73 20.09 30.55
N ASP D 172 7.30 19.74 31.68
CA ASP D 172 7.91 20.73 32.57
C ASP D 172 9.41 20.83 32.37
N GLY D 173 9.92 20.08 31.39
CA GLY D 173 11.34 20.10 31.06
C GLY D 173 12.14 19.09 31.87
N GLY D 174 11.43 18.30 32.67
CA GLY D 174 12.03 17.29 33.53
C GLY D 174 11.75 15.89 33.08
N LEU D 175 12.34 14.91 33.78
CA LEU D 175 12.09 13.50 33.51
C LEU D 175 11.33 12.84 34.66
N LEU D 176 10.44 11.91 34.31
CA LEU D 176 9.73 11.11 35.28
C LEU D 176 10.24 9.68 35.14
N THR D 177 10.71 9.13 36.26
CA THR D 177 11.21 7.76 36.35
C THR D 177 10.16 6.86 37.00
N ILE D 178 9.88 5.75 36.34
CA ILE D 178 8.96 4.72 36.82
C ILE D 178 9.74 3.42 37.07
N ASN D 179 9.60 2.88 38.28
CA ASN D 179 10.15 1.57 38.59
C ASN D 179 8.99 0.60 38.80
N LEU D 180 8.98 -0.50 38.05
CA LEU D 180 7.85 -1.43 38.13
C LEU D 180 8.13 -2.51 39.15
N GLY D 181 7.06 -3.00 39.78
CA GLY D 181 7.16 -4.22 40.58
C GLY D 181 7.30 -5.41 39.66
N GLU D 182 7.39 -6.61 40.22
CA GLU D 182 7.49 -7.83 39.44
C GLU D 182 6.19 -8.21 38.72
N ASP D 183 5.12 -7.55 39.11
CA ASP D 183 3.81 -7.74 38.48
C ASP D 183 3.53 -6.67 37.42
N GLY D 184 4.53 -5.83 37.15
CA GLY D 184 4.40 -4.75 36.17
C GLY D 184 3.57 -3.55 36.58
N LYS D 185 3.23 -3.46 37.87
CA LYS D 185 2.60 -2.25 38.40
C LYS D 185 3.67 -1.27 38.93
N VAL D 186 3.36 0.01 38.94
CA VAL D 186 4.30 0.99 39.49
C VAL D 186 4.63 0.67 40.96
N ALA D 187 5.92 0.49 41.26
CA ALA D 187 6.38 0.26 42.64
C ALA D 187 6.82 1.57 43.24
N SER D 188 7.50 2.38 42.44
CA SER D 188 7.95 3.69 42.88
C SER D 188 8.11 4.57 41.66
N GLN D 189 8.18 5.88 41.90
CA GLN D 189 8.43 6.86 40.86
C GLN D 189 9.19 8.05 41.45
N SER D 190 9.84 8.80 40.58
CA SER D 190 10.56 10.01 40.97
C SER D 190 10.59 10.95 39.79
N ARG D 191 10.63 12.24 40.11
CA ARG D 191 10.62 13.26 39.10
C ARG D 191 11.92 14.05 39.26
N SER D 192 12.60 14.32 38.15
CA SER D 192 13.87 15.02 38.21
C SER D 192 13.66 16.52 38.39
N LYS D 193 14.76 17.25 38.53
CA LYS D 193 14.72 18.71 38.40
C LYS D 193 14.60 19.06 36.92
N GLN D 194 14.16 20.28 36.62
CA GLN D 194 14.09 20.71 35.21
C GLN D 194 15.44 20.50 34.52
N MET D 195 15.43 19.78 33.40
CA MET D 195 16.66 19.55 32.64
C MET D 195 16.84 20.62 31.54
N PHE D 196 15.78 20.92 30.82
CA PHE D 196 15.85 21.84 29.69
C PHE D 196 14.65 22.78 29.77
N SER D 197 14.79 23.94 29.13
CA SER D 197 13.69 24.85 28.97
C SER D 197 12.89 24.39 27.77
N VAL D 198 11.64 23.99 28.00
CA VAL D 198 10.71 23.65 26.94
C VAL D 198 10.54 24.79 25.92
N LYS D 199 10.36 26.03 26.39
CA LYS D 199 10.16 27.19 25.50
C LYS D 199 11.44 27.66 24.82
N ASP D 200 12.56 27.70 25.55
CA ASP D 200 13.80 28.27 25.00
C ASP D 200 14.78 27.29 24.32
N ASP D 201 14.79 26.04 24.76
CA ASP D 201 15.76 25.09 24.25
C ASP D 201 15.16 23.67 24.21
N PRO D 202 14.16 23.45 23.36
CA PRO D 202 13.44 22.17 23.37
C PRO D 202 14.38 21.08 22.88
N ILE D 203 14.31 19.91 23.52
CA ILE D 203 15.13 18.78 23.11
C ILE D 203 14.37 17.87 22.14
N PHE D 204 15.13 17.20 21.29
CA PHE D 204 14.65 16.03 20.55
C PHE D 204 14.48 14.92 21.57
N ILE D 205 13.41 14.13 21.40
CA ILE D 205 13.09 13.04 22.32
C ILE D 205 14.07 11.85 22.25
N ALA D 206 14.78 11.70 21.13
CA ALA D 206 15.65 10.56 20.93
C ALA D 206 16.88 10.61 21.87
N PRO D 207 17.06 9.58 22.70
CA PRO D 207 18.18 9.57 23.62
C PRO D 207 19.43 8.95 22.99
N ALA D 208 20.59 9.52 23.30
CA ALA D 208 21.86 8.82 23.09
C ALA D 208 22.13 8.12 24.43
N LEU D 209 21.85 6.82 24.45
CA LEU D 209 21.65 6.09 25.70
C LEU D 209 22.86 5.32 26.16
N ASP D 210 23.33 5.63 27.36
CA ASP D 210 24.43 4.88 27.96
C ASP D 210 23.86 3.87 28.94
N LYS D 211 24.74 3.09 29.54
CA LYS D 211 24.39 2.14 30.60
C LYS D 211 23.62 2.81 31.75
N ASP D 212 24.03 4.03 32.10
CA ASP D 212 23.59 4.69 33.32
C ASP D 212 23.34 6.17 33.17
N LYS D 213 23.35 6.65 31.92
CA LYS D 213 23.02 8.04 31.59
C LYS D 213 22.43 8.15 30.18
N ALA D 214 21.62 9.17 29.95
CA ALA D 214 21.10 9.44 28.62
C ALA D 214 21.43 10.87 28.21
N HIS D 215 21.94 11.04 26.99
CA HIS D 215 22.18 12.37 26.42
C HIS D 215 21.08 12.76 25.43
N PHE D 216 20.75 14.03 25.42
CA PHE D 216 19.69 14.56 24.54
C PHE D 216 20.22 15.79 23.83
N VAL D 217 19.96 15.91 22.53
CA VAL D 217 20.33 17.13 21.81
C VAL D 217 19.12 18.06 21.66
N SER D 218 19.39 19.36 21.47
CA SER D 218 18.32 20.36 21.38
C SER D 218 18.17 21.00 19.99
N TYR D 219 17.03 21.65 19.78
CA TYR D 219 16.75 22.34 18.52
C TYR D 219 17.86 23.28 18.08
N TYR D 220 18.57 23.87 19.06
CA TYR D 220 19.64 24.83 18.77
C TYR D 220 21.04 24.24 18.97
N GLY D 221 21.10 22.91 19.02
CA GLY D 221 22.40 22.25 19.05
C GLY D 221 23.08 22.16 20.41
N ASN D 222 22.31 22.26 21.48
CA ASN D 222 22.84 22.03 22.84
C ASN D 222 22.71 20.57 23.29
N VAL D 223 23.40 20.24 24.38
CA VAL D 223 23.40 18.86 24.87
C VAL D 223 23.01 18.84 26.33
N TYR D 224 22.06 17.97 26.64
CA TYR D 224 21.54 17.80 27.99
C TYR D 224 21.76 16.36 28.40
N SER D 225 21.96 16.14 29.71
CA SER D 225 22.23 14.81 30.24
C SER D 225 21.35 14.44 31.43
N ALA D 226 20.98 13.17 31.46
CA ALA D 226 20.26 12.61 32.59
C ALA D 226 21.04 11.39 33.08
N ASP D 227 21.55 11.47 34.30
CA ASP D 227 22.37 10.42 34.90
C ASP D 227 21.48 9.63 35.87
N PHE D 228 21.34 8.32 35.64
CA PHE D 228 20.51 7.45 36.50
C PHE D 228 21.34 6.28 37.05
N SER D 229 22.59 6.56 37.42
CA SER D 229 23.40 5.60 38.17
C SER D 229 22.78 5.41 39.54
N GLY D 230 22.12 6.45 40.04
CA GLY D 230 21.40 6.38 41.33
C GLY D 230 19.89 6.40 41.17
N ASP D 231 19.19 6.16 42.29
CA ASP D 231 17.75 6.07 42.29
C ASP D 231 17.09 7.36 41.84
N GLU D 232 17.74 8.49 42.13
CA GLU D 232 17.27 9.78 41.66
C GLU D 232 18.10 10.27 40.47
N VAL D 233 17.39 10.68 39.42
CA VAL D 233 18.02 11.14 38.20
C VAL D 233 18.62 12.52 38.42
N LYS D 234 19.88 12.67 38.06
CA LYS D 234 20.60 13.93 38.12
C LYS D 234 20.72 14.54 36.71
N VAL D 235 20.29 15.79 36.57
CA VAL D 235 20.30 16.42 35.25
C VAL D 235 21.31 17.55 35.13
N ASP D 236 21.91 17.68 33.93
CA ASP D 236 22.94 18.68 33.65
C ASP D 236 22.75 19.26 32.24
N GLY D 237 23.42 20.37 31.98
CA GLY D 237 23.45 20.98 30.64
C GLY D 237 22.86 22.39 30.63
N PRO D 238 23.07 23.12 29.53
CA PRO D 238 23.54 22.52 28.29
C PRO D 238 25.05 22.70 28.06
N TRP D 239 25.63 21.82 27.25
CA TRP D 239 26.86 22.17 26.55
C TRP D 239 26.64 22.16 25.04
N SER D 240 27.39 22.96 24.31
CA SER D 240 27.14 23.13 22.87
C SER D 240 27.88 22.13 22.00
N LEU D 241 27.15 21.57 21.05
CA LEU D 241 27.76 20.82 19.94
C LEU D 241 28.69 21.71 19.09
N LEU D 242 28.41 23.02 19.05
CA LEU D 242 29.08 23.90 18.10
C LEU D 242 30.34 24.55 18.66
N ASN D 243 31.45 24.39 17.97
CA ASN D 243 32.61 25.29 18.18
C ASN D 243 32.42 26.64 17.42
N ASP D 244 33.36 27.57 17.58
CA ASP D 244 33.17 28.95 17.07
C ASP D 244 33.00 29.03 15.56
N GLU D 245 33.78 28.23 14.84
CA GLU D 245 33.66 28.17 13.38
C GLU D 245 32.40 27.47 12.83
N ASP D 246 31.74 26.65 13.66
CA ASP D 246 30.45 26.03 13.29
C ASP D 246 29.32 27.05 13.29
N LYS D 247 29.48 28.08 14.12
CA LYS D 247 28.38 28.97 14.47
C LYS D 247 27.99 29.90 13.32
N ALA D 248 28.92 30.12 12.40
CA ALA D 248 28.68 31.01 11.26
C ALA D 248 27.64 30.41 10.32
N LYS D 249 27.70 29.10 10.11
CA LYS D 249 26.78 28.42 9.17
C LYS D 249 25.50 27.96 9.86
N ASN D 250 25.29 28.36 11.10
CA ASN D 250 24.07 28.02 11.84
C ASN D 250 23.78 26.52 11.88
N TRP D 251 24.82 25.72 12.06
CA TRP D 251 24.66 24.27 12.18
C TRP D 251 23.73 23.94 13.35
N VAL D 252 22.71 23.13 13.08
CA VAL D 252 21.82 22.55 14.12
C VAL D 252 21.55 21.07 13.81
N PRO D 253 21.06 20.32 14.81
CA PRO D 253 20.67 18.92 14.59
C PRO D 253 19.36 18.88 13.82
N GLY D 254 19.19 17.83 13.02
CA GLY D 254 17.88 17.56 12.42
C GLY D 254 17.69 16.08 12.13
N GLY D 255 16.46 15.62 12.30
CA GLY D 255 16.12 14.24 11.99
C GLY D 255 15.04 13.71 12.91
N TYR D 256 14.96 12.38 12.97
CA TYR D 256 13.93 11.70 13.77
C TYR D 256 14.60 10.87 14.84
N ASN D 257 14.99 9.65 14.51
CA ASN D 257 15.85 8.87 15.39
C ASN D 257 17.31 9.35 15.14
N LEU D 258 17.61 10.56 15.63
CA LEU D 258 18.74 11.34 15.08
C LEU D 258 20.08 11.21 15.81
N VAL D 259 20.06 10.56 16.98
CA VAL D 259 21.28 10.41 17.77
C VAL D 259 21.56 8.96 18.12
N GLY D 260 22.79 8.73 18.56
CA GLY D 260 23.24 7.40 18.97
C GLY D 260 24.44 7.51 19.86
N LEU D 261 24.63 6.53 20.75
CA LEU D 261 25.82 6.51 21.60
C LEU D 261 26.56 5.20 21.44
N HIS D 262 27.86 5.31 21.21
CA HIS D 262 28.72 4.14 21.22
C HIS D 262 29.27 4.04 22.63
N ARG D 263 28.77 3.04 23.36
CA ARG D 263 28.92 2.97 24.82
C ARG D 263 30.37 2.84 25.29
N ALA D 264 31.14 1.98 24.63
CA ALA D 264 32.52 1.77 25.01
C ALA D 264 33.35 3.04 24.90
N SER D 265 33.10 3.83 23.85
CA SER D 265 33.96 5.00 23.58
C SER D 265 33.42 6.32 24.10
N GLY D 266 32.12 6.37 24.41
CA GLY D 266 31.47 7.62 24.79
C GLY D 266 31.20 8.52 23.59
N ARG D 267 31.36 7.99 22.38
CA ARG D 267 31.08 8.76 21.18
C ARG D 267 29.58 8.89 20.91
N MET D 268 29.09 10.12 20.77
CA MET D 268 27.71 10.36 20.37
C MET D 268 27.63 10.85 18.91
N TYR D 269 26.72 10.22 18.17
CA TYR D 269 26.49 10.52 16.75
C TYR D 269 25.23 11.36 16.68
N VAL D 270 25.30 12.41 15.86
CA VAL D 270 24.20 13.34 15.65
C VAL D 270 24.10 13.75 14.18
N PHE D 271 22.88 13.73 13.63
CA PHE D 271 22.62 14.27 12.30
C PHE D 271 22.51 15.79 12.37
N MET D 272 23.30 16.48 11.56
CA MET D 272 23.36 17.95 11.56
C MET D 272 23.13 18.54 10.17
N HIS D 273 22.67 19.80 10.14
CA HIS D 273 22.57 20.56 8.90
C HIS D 273 22.90 22.05 9.13
N PRO D 274 23.48 22.71 8.12
CA PRO D 274 23.76 24.15 8.18
C PRO D 274 22.49 24.93 7.90
N ASP D 275 22.52 26.24 8.14
CA ASP D 275 21.41 27.15 7.86
C ASP D 275 20.16 26.82 8.68
N GLY D 276 20.39 26.43 9.92
CA GLY D 276 19.31 26.13 10.84
C GLY D 276 18.53 27.38 11.16
N LYS D 277 17.21 27.21 11.32
CA LYS D 277 16.30 28.28 11.70
C LYS D 277 14.97 27.63 12.13
N GLU D 278 14.01 28.43 12.60
CA GLU D 278 12.74 27.87 13.01
C GLU D 278 12.18 27.01 11.89
N GLY D 279 11.88 25.74 12.20
CA GLY D 279 11.23 24.80 11.28
C GLY D 279 12.16 23.87 10.50
N THR D 280 13.43 23.79 10.90
CA THR D 280 14.36 22.94 10.17
C THR D 280 14.80 21.72 10.99
N HIS D 281 14.07 21.43 12.07
CA HIS D 281 14.48 20.39 13.03
C HIS D 281 14.29 18.96 12.54
N LYS D 282 13.59 18.76 11.42
CA LYS D 282 13.48 17.44 10.79
C LYS D 282 14.16 17.34 9.43
N PHE D 283 15.06 18.30 9.14
CA PHE D 283 15.79 18.32 7.86
C PHE D 283 16.77 17.15 7.82
N PRO D 284 16.97 16.55 6.63
CA PRO D 284 17.99 15.49 6.44
C PRO D 284 19.40 15.95 6.83
N ALA D 285 20.25 15.00 7.24
CA ALA D 285 21.62 15.26 7.58
C ALA D 285 22.45 15.68 6.37
N ALA D 286 22.99 16.89 6.39
CA ALA D 286 24.13 17.22 5.54
C ALA D 286 25.37 16.46 6.06
N GLU D 287 25.47 16.33 7.38
CA GLU D 287 26.63 15.71 8.02
C GLU D 287 26.23 14.89 9.26
N ILE D 288 27.07 13.92 9.58
CA ILE D 288 27.04 13.25 10.88
C ILE D 288 28.22 13.80 11.70
N TRP D 289 27.91 14.43 12.83
CA TRP D 289 28.94 14.81 13.80
C TRP D 289 29.13 13.72 14.85
N VAL D 290 30.40 13.46 15.16
CA VAL D 290 30.76 12.48 16.17
C VAL D 290 31.40 13.27 17.32
N MET D 291 30.77 13.19 18.49
CA MET D 291 31.18 13.94 19.67
C MET D 291 31.70 12.99 20.75
N ASP D 292 32.86 13.31 21.30
CA ASP D 292 33.26 12.74 22.57
C ASP D 292 32.42 13.36 23.72
N THR D 293 31.57 12.55 24.37
CA THR D 293 30.73 13.05 25.50
C THR D 293 31.50 13.45 26.78
N LYS D 294 32.62 12.76 27.02
CA LYS D 294 33.52 13.11 28.12
C LYS D 294 34.18 14.50 27.94
N THR D 295 34.85 14.71 26.81
CA THR D 295 35.57 15.98 26.59
C THR D 295 34.66 17.09 26.06
N LYS D 296 33.46 16.72 25.62
CA LYS D 296 32.46 17.65 25.09
C LYS D 296 32.94 18.35 23.83
N GLN D 297 33.54 17.57 22.93
CA GLN D 297 34.20 18.07 21.72
C GLN D 297 33.93 17.14 20.54
N ARG D 298 33.77 17.71 19.35
CA ARG D 298 33.63 16.93 18.13
C ARG D 298 34.97 16.27 17.79
N VAL D 299 34.93 15.00 17.41
CA VAL D 299 36.14 14.23 17.08
C VAL D 299 36.18 13.86 15.59
N ALA D 300 35.03 13.96 14.93
CA ALA D 300 34.88 13.60 13.53
C ALA D 300 33.62 14.23 12.95
N ARG D 301 33.62 14.40 11.62
CA ARG D 301 32.45 14.81 10.83
C ARG D 301 32.53 14.21 9.43
N ILE D 302 31.43 13.63 8.96
CA ILE D 302 31.37 13.05 7.61
C ILE D 302 30.10 13.52 6.92
N PRO D 303 29.99 13.34 5.60
CA PRO D 303 28.76 13.66 4.88
C PRO D 303 27.58 12.77 5.34
N GLY D 304 26.41 13.37 5.46
CA GLY D 304 25.26 12.72 6.06
C GLY D 304 24.40 11.89 5.11
N ARG D 305 24.63 12.07 3.80
CA ARG D 305 23.86 11.42 2.74
C ARG D 305 22.35 11.49 2.99
N ASP D 306 21.86 12.65 3.43
CA ASP D 306 20.40 12.88 3.63
C ASP D 306 19.73 11.97 4.67
N ALA D 307 20.51 11.43 5.60
CA ALA D 307 19.97 10.51 6.59
C ALA D 307 19.02 11.23 7.56
N LEU D 308 18.13 10.48 8.19
CA LEU D 308 17.14 11.05 9.10
C LEU D 308 17.09 10.32 10.43
N SER D 309 17.42 9.03 10.37
CA SER D 309 17.37 8.13 11.50
C SER D 309 18.56 7.19 11.50
N MET D 310 18.94 6.72 12.69
CA MET D 310 20.09 5.83 12.81
C MET D 310 19.84 4.79 13.89
N THR D 311 20.78 3.88 14.03
CA THR D 311 20.87 3.05 15.22
C THR D 311 22.32 2.58 15.32
N ILE D 312 22.72 2.12 16.50
CA ILE D 312 24.08 1.70 16.78
C ILE D 312 24.11 0.26 17.28
N ASP D 313 25.08 -0.50 16.82
CA ASP D 313 25.37 -1.81 17.39
C ASP D 313 26.67 -1.72 18.20
N GLN D 314 26.54 -1.97 19.51
CA GLN D 314 27.67 -1.86 20.45
C GLN D 314 28.73 -2.93 20.20
N GLN D 315 28.29 -4.15 19.97
CA GLN D 315 29.22 -5.27 19.96
C GLN D 315 30.09 -5.27 18.70
N ARG D 316 29.52 -4.91 17.57
CA ARG D 316 30.27 -4.94 16.29
C ARG D 316 30.74 -3.56 15.82
N ASN D 317 30.46 -2.52 16.59
CA ASN D 317 30.90 -1.14 16.29
C ASN D 317 30.36 -0.67 14.95
N LEU D 318 29.04 -0.69 14.82
CA LEU D 318 28.36 -0.35 13.58
C LEU D 318 27.31 0.73 13.82
N MET D 319 27.16 1.59 12.83
CA MET D 319 26.06 2.51 12.79
C MET D 319 25.26 2.31 11.51
N LEU D 320 23.94 2.22 11.65
CA LEU D 320 23.07 2.23 10.49
C LEU D 320 22.48 3.60 10.33
N THR D 321 22.28 3.97 9.08
CA THR D 321 21.81 5.28 8.76
C THR D 321 20.70 5.07 7.72
N LEU D 322 19.70 5.96 7.70
CA LEU D 322 18.47 5.76 6.93
C LEU D 322 17.90 7.10 6.48
N ASP D 323 17.78 7.30 5.16
CA ASP D 323 17.23 8.55 4.59
C ASP D 323 15.73 8.46 4.28
N GLY D 324 15.10 7.36 4.71
CA GLY D 324 13.68 7.14 4.37
C GLY D 324 13.45 5.97 3.43
N GLY D 325 14.42 5.71 2.56
CA GLY D 325 14.31 4.63 1.58
C GLY D 325 15.51 3.71 1.56
N ASN D 326 16.68 4.26 1.87
CA ASN D 326 17.96 3.55 1.76
C ASN D 326 18.67 3.50 3.13
N VAL D 327 19.35 2.39 3.37
CA VAL D 327 20.10 2.15 4.62
C VAL D 327 21.60 2.11 4.34
N ASN D 328 22.35 2.94 5.07
CA ASN D 328 23.80 2.91 4.96
C ASN D 328 24.42 2.22 6.18
N VAL D 329 25.44 1.40 5.91
CA VAL D 329 26.12 0.65 6.96
C VAL D 329 27.48 1.28 7.25
N TYR D 330 27.69 1.77 8.46
CA TYR D 330 28.98 2.39 8.80
C TYR D 330 29.76 1.59 9.84
N ASP D 331 31.06 1.50 9.62
CA ASP D 331 32.00 0.97 10.59
C ASP D 331 32.40 2.14 11.50
N ILE D 332 32.12 1.99 12.79
CA ILE D 332 32.42 3.05 13.75
C ILE D 332 33.47 2.65 14.82
N SER D 333 34.27 1.63 14.53
CA SER D 333 35.32 1.19 15.44
C SER D 333 36.41 2.25 15.66
N GLN D 334 36.54 3.18 14.71
CA GLN D 334 37.43 4.35 14.83
C GLN D 334 36.58 5.64 14.96
N PRO D 335 37.14 6.74 15.48
CA PRO D 335 36.39 7.99 15.63
C PRO D 335 35.69 8.50 14.36
N GLU D 336 36.35 8.34 13.20
CA GLU D 336 35.73 8.67 11.93
C GLU D 336 35.00 7.46 11.36
N PRO D 337 33.70 7.58 11.09
CA PRO D 337 32.94 6.46 10.54
C PRO D 337 33.37 6.15 9.11
N LYS D 338 33.45 4.86 8.76
CA LYS D 338 33.72 4.44 7.37
C LYS D 338 32.46 3.82 6.79
N LEU D 339 32.06 4.30 5.61
CA LEU D 339 30.90 3.76 4.90
C LEU D 339 31.22 2.41 4.28
N LEU D 340 30.44 1.38 4.63
CA LEU D 340 30.71 0.03 4.15
C LEU D 340 29.87 -0.32 2.92
N ARG D 341 28.62 0.12 2.92
CA ARG D 341 27.69 -0.15 1.81
C ARG D 341 26.35 0.50 2.06
N THR D 342 25.57 0.59 0.98
CA THR D 342 24.24 1.16 0.98
C THR D 342 23.26 0.11 0.46
N ILE D 343 22.20 -0.14 1.23
CA ILE D 343 21.08 -0.98 0.80
C ILE D 343 20.03 -0.06 0.18
N GLU D 344 19.88 -0.13 -1.14
CA GLU D 344 18.89 0.70 -1.80
C GLU D 344 17.52 0.03 -1.83
N GLY D 345 16.48 0.85 -1.73
CA GLY D 345 15.10 0.39 -1.75
C GLY D 345 14.71 -0.48 -0.56
N ALA D 346 15.36 -0.29 0.59
CA ALA D 346 15.04 -1.07 1.80
C ALA D 346 13.62 -0.79 2.32
N ALA D 347 13.04 0.33 1.89
CA ALA D 347 11.69 0.73 2.30
C ALA D 347 11.20 1.88 1.44
N GLU D 348 9.89 2.14 1.46
CA GLU D 348 9.37 3.32 0.75
C GLU D 348 9.23 4.53 1.67
N ALA D 349 8.88 4.29 2.93
CA ALA D 349 8.71 5.37 3.90
C ALA D 349 9.05 4.88 5.33
N SER D 350 10.34 4.74 5.59
CA SER D 350 10.81 4.25 6.88
C SER D 350 11.59 5.30 7.61
N LEU D 351 11.25 5.47 8.89
CA LEU D 351 12.01 6.36 9.77
C LEU D 351 12.66 5.60 10.92
N GLN D 352 12.75 4.28 10.80
CA GLN D 352 13.35 3.48 11.87
C GLN D 352 14.00 2.16 11.41
N VAL D 353 15.26 1.99 11.77
CA VAL D 353 15.94 0.72 11.53
C VAL D 353 16.54 0.25 12.86
N GLN D 354 16.63 -1.08 13.04
CA GLN D 354 17.14 -1.69 14.27
C GLN D 354 17.91 -2.97 13.98
N PHE D 355 18.97 -3.23 14.76
CA PHE D 355 19.71 -4.50 14.66
C PHE D 355 18.98 -5.62 15.38
N HIS D 356 19.18 -6.85 14.92
CA HIS D 356 18.82 -7.99 15.75
C HIS D 356 19.79 -8.03 16.95
N PRO D 357 19.28 -8.13 18.18
CA PRO D 357 20.12 -8.21 19.37
C PRO D 357 21.09 -9.38 19.28
N VAL D 358 22.36 -9.10 19.53
CA VAL D 358 23.39 -10.14 19.66
C VAL D 358 24.26 -9.69 20.84
N GLY D 359 24.33 -10.51 21.88
CA GLY D 359 25.07 -10.14 23.09
C GLY D 359 24.46 -8.95 23.82
N TSH E . -1.43 15.05 10.66
CA TSH E . -0.83 13.93 10.96
CB TSH E . -0.69 12.77 9.97
CG TSH E . 0.30 11.80 10.53
CD2 TSH E . 0.11 10.45 10.79
CE3 TSH E . -1.01 9.65 10.60
CZ3 TSH E . -0.92 8.31 10.96
CH2 TSH E . 0.26 7.77 11.50
CZ2 TSH E . 1.38 8.58 11.67
CE2 TSH E . 1.29 9.93 11.34
NE1 TSH E . 2.20 10.93 11.38
CD1 TSH E . 1.61 12.07 10.91
N TSH F . 0.30 -15.26 -9.71
CA TSH F . -0.78 -14.57 -9.40
CB TSH F . -0.67 -13.16 -8.82
CG TSH F . -1.79 -12.27 -9.28
CD2 TSH F . -2.74 -11.62 -8.49
CE3 TSH F . -2.90 -11.61 -7.11
CZ3 TSH F . -3.96 -10.86 -6.59
CH2 TSH F . -4.82 -10.13 -7.42
CZ2 TSH F . -4.65 -10.14 -8.80
CE2 TSH F . -3.60 -10.90 -9.34
NE1 TSH F . -3.18 -11.11 -10.61
CD1 TSH F . -2.09 -11.93 -10.60
#